data_1V16
#
_entry.id   1V16
#
_cell.length_a   145.397
_cell.length_b   145.397
_cell.length_c   69.104
_cell.angle_alpha   90.00
_cell.angle_beta   90.00
_cell.angle_gamma   120.00
#
_symmetry.space_group_name_H-M   'P 31 2 1'
#
loop_
_entity.id
_entity.type
_entity.pdbx_description
1 polymer '2-OXOISOVALERATE DEHYDROGENASE ALPHA SUBUNIT'
2 polymer '2-OXOISOVALERATE DEHYDROGENASE BETA SUBUNIT'
3 non-polymer 'POTASSIUM ION'
4 non-polymer 'MANGANESE (II) ION'
5 non-polymer 'CHLORIDE ION'
6 non-polymer 'THIAMINE DIPHOSPHATE'
7 non-polymer BENZAMIDINE
8 non-polymer GLYCEROL
9 water water
#
loop_
_entity_poly.entity_id
_entity_poly.type
_entity_poly.pdbx_seq_one_letter_code
_entity_poly.pdbx_strand_id
1 'polypeptide(L)'
;SSLDDKPQFPGASAEFIDKLEFIQPNVISGIPIYRVMDRQGQIINPSEDPHLPKEKVLKLYKSMTLLNTMDRILYESQRQ
GRISFYMTNYGEEGTHVGSAAALDNTDLVFGQYREAGVLMYRDYPLELFMAQCYGNISDLGKGRQMPVHYGCKERHFVTI
SSPLATQIPQAVGAAYAAKRANANRVVICYFGEGAASEGDAHAGFNFAATLECPIIFFCRNNGYAISTPTSEQYRGDGIA
ARGPGYGIMSIRVDGNDVFAVYNATKEARRRAVAENQPFLIEAMTYRIGHASTSDDSSAFRSVDEVNYWDKQDHPISRLR
HYLLSQGWWDEEQEKAWRKQSRRKVMEAFEQAERKPKPNPNLLFSDVYQEMPAQLRKQQESLARHLQTYGEHYPLDHFDK
;
A
2 'polypeptide(L)'
;VAHFTFQPDPEPREYGQTQKMNLFQSVTSALDNSLAKDPTAVIFGEDVAFGGVFRCTVGLRDKYGKDRVFNTPLCEQGIV
GFGIGIAVTGATAIAEIQFADYIFPAFDQIVNEAAKYRYRSGDLFNCGSLTIRSPWGCVGHGALYHSQSPEAFFAHCPGI
KVVIPRSPFQAKGLLLSCIEDKNPCIFFEPKILYRAAAEEVPIEPYNIPLSQAEVIQEGSDVTLVAWGTQVHVIREVASM
AKEKLGVSCEVIDLRTIIPWDVDTICKSVIKTGRLLISHEAPLTGGFASEISSTVQEECFLNLEAPISRVCGYDTPFPHI
FEPFYIPDKWKCYDALRKMINY
;
B
#
loop_
_chem_comp.id
_chem_comp.type
_chem_comp.name
_chem_comp.formula
BEN non-polymer BENZAMIDINE 'C7 H8 N2'
CL non-polymer 'CHLORIDE ION' 'Cl -1'
GOL non-polymer GLYCEROL 'C3 H8 O3'
K non-polymer 'POTASSIUM ION' 'K 1'
MN non-polymer 'MANGANESE (II) ION' 'Mn 2'
TPP non-polymer 'THIAMINE DIPHOSPHATE' 'C12 H19 N4 O7 P2 S 1'
#
# COMPACT_ATOMS: atom_id res chain seq x y z
N LYS A 6 -9.39 28.84 35.24
CA LYS A 6 -9.21 28.54 33.77
C LYS A 6 -8.16 27.41 33.52
N PRO A 7 -8.59 26.27 32.97
CA PRO A 7 -7.70 25.10 32.75
C PRO A 7 -6.49 25.40 31.87
N GLN A 8 -5.37 24.80 32.20
CA GLN A 8 -4.10 25.02 31.49
C GLN A 8 -3.55 23.72 30.90
N PHE A 9 -4.40 23.00 30.17
CA PHE A 9 -4.04 21.67 29.65
C PHE A 9 -3.84 21.79 28.15
N PRO A 10 -2.67 21.35 27.66
CA PRO A 10 -2.39 21.45 26.21
C PRO A 10 -3.24 20.49 25.37
N GLY A 11 -3.76 19.40 25.94
CA GLY A 11 -4.57 18.45 25.17
C GLY A 11 -5.96 18.96 24.70
N ALA A 12 -6.49 19.97 25.39
CA ALA A 12 -7.83 20.45 25.04
C ALA A 12 -8.08 21.88 25.49
N SER A 13 -9.05 22.51 24.85
CA SER A 13 -9.47 23.88 25.12
C SER A 13 -10.87 23.80 25.72
N ALA A 14 -11.00 24.18 26.99
CA ALA A 14 -12.25 24.01 27.73
C ALA A 14 -12.29 24.75 29.08
N GLU A 15 -13.50 24.92 29.60
CA GLU A 15 -13.72 25.48 30.96
C GLU A 15 -13.72 24.33 31.97
N PHE A 16 -13.64 24.64 33.26
CA PHE A 16 -14.00 23.68 34.32
C PHE A 16 -15.51 23.54 34.47
N ILE A 17 -15.92 22.41 35.01
CA ILE A 17 -17.31 22.19 35.40
C ILE A 17 -17.25 21.59 36.80
N ASP A 18 -18.15 22.02 37.68
CA ASP A 18 -18.11 21.62 39.08
C ASP A 18 -19.13 20.55 39.46
N LYS A 19 -19.81 19.98 38.47
CA LYS A 19 -20.72 18.86 38.68
C LYS A 19 -20.45 17.73 37.68
N LEU A 20 -20.72 16.50 38.11
CA LEU A 20 -20.38 15.32 37.34
C LEU A 20 -21.53 15.11 36.35
N GLU A 21 -21.21 15.14 35.07
CA GLU A 21 -22.18 14.97 33.99
C GLU A 21 -21.49 14.23 32.83
N PHE A 22 -21.98 13.05 32.53
CA PHE A 22 -21.56 12.33 31.35
C PHE A 22 -22.23 12.92 30.13
N ILE A 23 -21.48 12.99 29.03
CA ILE A 23 -22.00 13.46 27.78
C ILE A 23 -22.61 12.27 27.07
N GLN A 24 -23.86 12.47 26.67
CA GLN A 24 -24.64 11.46 26.00
C GLN A 24 -24.53 11.62 24.50
N PRO A 25 -24.56 10.52 23.79
CA PRO A 25 -24.68 10.56 22.32
C PRO A 25 -26.10 11.00 21.91
N ASN A 26 -26.28 11.73 20.80
CA ASN A 26 -27.64 12.06 20.30
C ASN A 26 -27.96 11.21 19.09
N VAL A 27 -28.47 9.97 19.28
CA VAL A 27 -28.62 9.02 18.16
C VAL A 27 -30.05 8.99 17.59
N ILE A 28 -31.03 9.20 18.46
CA ILE A 28 -32.45 9.24 18.08
C ILE A 28 -32.73 10.51 17.26
N SER A 29 -32.11 11.63 17.66
CA SER A 29 -32.16 12.89 16.88
C SER A 29 -30.78 13.15 16.25
N GLY A 30 -30.52 12.37 15.23
CA GLY A 30 -29.25 12.45 14.57
C GLY A 30 -29.13 13.66 13.67
N ILE A 31 -28.01 13.67 13.03
CA ILE A 31 -27.70 14.65 12.03
C ILE A 31 -28.74 14.50 10.92
N PRO A 32 -29.37 15.60 10.55
CA PRO A 32 -30.47 15.52 9.58
C PRO A 32 -29.95 15.21 8.16
N ILE A 33 -30.86 14.76 7.31
CA ILE A 33 -30.51 14.26 5.99
C ILE A 33 -30.84 15.36 4.96
N TYR A 34 -29.82 15.90 4.32
CA TYR A 34 -30.00 16.98 3.32
C TYR A 34 -30.66 16.45 2.04
N ARG A 35 -31.76 17.09 1.64
N ARG A 35 -31.72 17.13 1.65
CA ARG A 35 -32.43 16.74 0.39
CA ARG A 35 -32.51 16.80 0.48
C ARG A 35 -32.85 18.00 -0.35
C ARG A 35 -32.72 18.07 -0.36
N VAL A 36 -32.77 17.91 -1.68
CA VAL A 36 -33.04 19.02 -2.59
C VAL A 36 -34.37 18.76 -3.29
N MET A 37 -34.61 17.53 -3.76
CA MET A 37 -35.87 17.29 -4.44
C MET A 37 -36.62 16.17 -3.76
N ASP A 38 -37.93 16.26 -3.83
CA ASP A 38 -38.80 15.29 -3.20
C ASP A 38 -38.95 14.11 -4.14
N ARG A 39 -39.77 13.15 -3.74
CA ARG A 39 -39.90 11.91 -4.51
C ARG A 39 -40.63 12.08 -5.85
N GLN A 40 -41.33 13.18 -6.04
CA GLN A 40 -41.92 13.48 -7.35
C GLN A 40 -41.01 14.39 -8.19
N GLY A 41 -39.74 14.51 -7.80
CA GLY A 41 -38.78 15.29 -8.54
C GLY A 41 -38.94 16.80 -8.53
N GLN A 42 -39.57 17.36 -7.50
CA GLN A 42 -39.75 18.82 -7.41
C GLN A 42 -38.69 19.42 -6.47
N ILE A 43 -38.09 20.52 -6.86
CA ILE A 43 -37.15 21.21 -6.01
C ILE A 43 -37.92 21.78 -4.82
N ILE A 44 -37.47 21.47 -3.63
CA ILE A 44 -38.13 21.84 -2.39
C ILE A 44 -37.84 23.29 -2.00
N ASN A 45 -36.59 23.71 -2.20
CA ASN A 45 -36.12 24.99 -1.75
C ASN A 45 -35.33 25.62 -2.90
N PRO A 46 -35.92 26.57 -3.62
CA PRO A 46 -35.25 27.21 -4.76
C PRO A 46 -33.84 27.66 -4.51
N SER A 47 -33.52 28.18 -3.33
CA SER A 47 -32.15 28.56 -3.01
C SER A 47 -31.15 27.41 -3.14
N GLU A 48 -31.63 26.15 -3.10
CA GLU A 48 -30.78 24.96 -3.21
C GLU A 48 -30.73 24.31 -4.59
N ASP A 49 -31.50 24.84 -5.52
CA ASP A 49 -31.39 24.38 -6.88
C ASP A 49 -29.98 24.56 -7.41
N PRO A 50 -29.37 23.54 -7.94
CA PRO A 50 -28.08 23.79 -8.59
C PRO A 50 -28.22 24.43 -10.00
N HIS A 51 -29.41 24.49 -10.57
CA HIS A 51 -29.57 24.88 -11.98
C HIS A 51 -28.47 24.32 -12.85
N LEU A 52 -28.27 23.00 -12.78
CA LEU A 52 -27.44 22.34 -13.76
C LEU A 52 -28.11 22.45 -15.13
N PRO A 53 -27.32 22.71 -16.14
CA PRO A 53 -27.85 22.80 -17.52
C PRO A 53 -28.40 21.46 -18.03
N LYS A 54 -29.39 21.55 -18.93
CA LYS A 54 -30.08 20.35 -19.43
C LYS A 54 -29.13 19.24 -19.92
N GLU A 55 -28.10 19.57 -20.67
CA GLU A 55 -27.23 18.53 -21.22
C GLU A 55 -26.46 17.79 -20.09
N LYS A 56 -26.07 18.49 -19.03
CA LYS A 56 -25.43 17.83 -17.91
C LYS A 56 -26.40 16.95 -17.15
N VAL A 57 -27.64 17.42 -16.92
CA VAL A 57 -28.60 16.60 -16.20
C VAL A 57 -28.97 15.33 -16.99
N LEU A 58 -29.10 15.46 -18.30
CA LEU A 58 -29.34 14.31 -19.15
C LEU A 58 -28.15 13.34 -19.10
N LYS A 59 -26.94 13.85 -19.08
CA LYS A 59 -25.76 12.99 -18.90
C LYS A 59 -25.81 12.28 -17.55
N LEU A 60 -26.26 12.94 -16.49
CA LEU A 60 -26.47 12.24 -15.22
C LEU A 60 -27.44 11.07 -15.36
N TYR A 61 -28.60 11.35 -15.95
CA TYR A 61 -29.61 10.30 -16.15
C TYR A 61 -29.13 9.12 -16.98
N LYS A 62 -28.45 9.43 -18.09
CA LYS A 62 -28.04 8.40 -19.00
C LYS A 62 -26.88 7.57 -18.48
N SER A 63 -26.03 8.18 -17.68
CA SER A 63 -24.95 7.46 -17.02
C SER A 63 -25.52 6.46 -16.03
N MET A 64 -26.50 6.89 -15.26
CA MET A 64 -27.11 6.03 -14.26
C MET A 64 -27.84 4.86 -14.88
N THR A 65 -28.59 5.11 -15.94
CA THR A 65 -29.37 4.07 -16.61
C THR A 65 -28.48 3.14 -17.40
N LEU A 66 -27.43 3.65 -18.04
CA LEU A 66 -26.46 2.79 -18.69
C LEU A 66 -25.79 1.86 -17.71
N LEU A 67 -25.49 2.38 -16.53
CA LEU A 67 -24.90 1.53 -15.48
C LEU A 67 -25.85 0.40 -15.08
N ASN A 68 -27.10 0.77 -14.86
CA ASN A 68 -28.14 -0.16 -14.47
C ASN A 68 -28.36 -1.25 -15.54
N THR A 69 -28.29 -0.88 -16.81
CA THR A 69 -28.32 -1.83 -17.91
C THR A 69 -27.16 -2.78 -17.92
N MET A 70 -25.96 -2.23 -17.70
CA MET A 70 -24.77 -3.05 -17.63
C MET A 70 -24.84 -4.02 -16.46
N ASP A 71 -25.29 -3.55 -15.30
CA ASP A 71 -25.47 -4.41 -14.13
C ASP A 71 -26.38 -5.62 -14.41
N ARG A 72 -27.49 -5.41 -15.08
CA ARG A 72 -28.46 -6.49 -15.38
C ARG A 72 -27.84 -7.57 -16.20
N ILE A 73 -27.10 -7.16 -17.21
CA ILE A 73 -26.45 -8.11 -18.07
C ILE A 73 -25.31 -8.84 -17.39
N LEU A 74 -24.42 -8.12 -16.67
CA LEU A 74 -23.28 -8.78 -16.04
C LEU A 74 -23.67 -9.61 -14.80
N TYR A 75 -24.70 -9.17 -14.10
CA TYR A 75 -25.23 -9.97 -13.00
C TYR A 75 -25.66 -11.35 -13.53
N GLU A 76 -26.43 -11.33 -14.62
CA GLU A 76 -26.85 -12.59 -15.25
C GLU A 76 -25.64 -13.45 -15.72
N SER A 77 -24.62 -12.79 -16.28
CA SER A 77 -23.40 -13.47 -16.72
C SER A 77 -22.72 -14.20 -15.56
N GLN A 78 -22.69 -13.56 -14.41
CA GLN A 78 -22.12 -14.16 -13.19
C GLN A 78 -22.96 -15.36 -12.71
N ARG A 79 -24.27 -15.20 -12.71
CA ARG A 79 -25.18 -16.30 -12.33
C ARG A 79 -24.97 -17.50 -13.21
N GLN A 80 -24.61 -17.27 -14.49
CA GLN A 80 -24.33 -18.36 -15.39
C GLN A 80 -22.89 -18.86 -15.32
N GLY A 81 -22.07 -18.26 -14.47
CA GLY A 81 -20.68 -18.65 -14.38
C GLY A 81 -19.78 -18.20 -15.53
N ARG A 82 -20.24 -17.27 -16.36
CA ARG A 82 -19.43 -16.77 -17.47
C ARG A 82 -18.34 -15.80 -17.00
N ILE A 83 -18.64 -15.09 -15.92
CA ILE A 83 -17.64 -14.40 -15.15
C ILE A 83 -17.74 -14.91 -13.76
N SER A 84 -16.65 -14.75 -13.03
CA SER A 84 -16.53 -15.41 -11.74
C SER A 84 -17.07 -14.66 -10.53
N PHE A 85 -17.33 -13.36 -10.66
CA PHE A 85 -17.70 -12.51 -9.51
C PHE A 85 -18.38 -11.27 -10.10
N TYR A 86 -19.30 -10.68 -9.36
CA TYR A 86 -19.89 -9.40 -9.78
C TYR A 86 -20.51 -8.69 -8.56
N MET A 87 -20.42 -7.35 -8.58
CA MET A 87 -21.01 -6.49 -7.56
C MET A 87 -21.82 -5.45 -8.34
N THR A 88 -23.12 -5.32 -8.02
CA THR A 88 -23.95 -4.36 -8.70
C THR A 88 -23.88 -3.00 -8.02
N ASN A 89 -24.53 -2.06 -8.69
CA ASN A 89 -24.52 -0.68 -8.28
C ASN A 89 -25.93 -0.21 -7.94
N TYR A 90 -26.87 -1.15 -7.80
CA TYR A 90 -28.30 -0.78 -7.65
C TYR A 90 -28.48 -0.01 -6.38
N GLY A 91 -29.21 1.10 -6.46
CA GLY A 91 -29.30 2.05 -5.34
C GLY A 91 -28.17 3.04 -5.17
N GLU A 92 -27.07 2.83 -5.88
CA GLU A 92 -25.87 3.67 -5.72
C GLU A 92 -25.62 4.51 -6.96
N GLU A 93 -26.53 4.44 -7.92
CA GLU A 93 -26.30 5.14 -9.18
C GLU A 93 -26.27 6.65 -8.92
N GLY A 94 -27.11 7.16 -8.04
CA GLY A 94 -27.17 8.61 -7.80
C GLY A 94 -26.03 9.16 -6.99
N THR A 95 -25.63 8.44 -5.94
CA THR A 95 -24.48 8.86 -5.17
C THR A 95 -23.24 8.97 -6.04
N HIS A 96 -23.06 8.03 -6.97
CA HIS A 96 -21.84 8.03 -7.76
C HIS A 96 -21.81 8.99 -8.92
N VAL A 97 -22.90 9.10 -9.65
N VAL A 97 -22.91 9.07 -9.66
CA VAL A 97 -22.94 10.04 -10.77
CA VAL A 97 -22.98 9.99 -10.80
C VAL A 97 -23.06 11.49 -10.28
C VAL A 97 -23.11 11.46 -10.32
N GLY A 98 -23.91 11.71 -9.28
CA GLY A 98 -24.05 13.02 -8.68
C GLY A 98 -22.77 13.57 -8.12
N SER A 99 -21.99 12.73 -7.41
CA SER A 99 -20.72 13.20 -6.85
C SER A 99 -19.68 13.35 -7.93
N ALA A 100 -19.61 12.42 -8.87
CA ALA A 100 -18.63 12.52 -9.93
C ALA A 100 -18.84 13.83 -10.73
N ALA A 101 -20.09 14.20 -10.96
CA ALA A 101 -20.41 15.40 -11.73
C ALA A 101 -19.94 16.70 -11.03
N ALA A 102 -19.78 16.66 -9.71
CA ALA A 102 -19.27 17.77 -8.94
C ALA A 102 -17.77 17.87 -8.85
N LEU A 103 -17.05 16.87 -9.34
CA LEU A 103 -15.60 16.88 -9.31
C LEU A 103 -15.04 17.51 -10.58
N ASP A 104 -13.81 17.99 -10.50
CA ASP A 104 -13.05 18.30 -11.69
C ASP A 104 -12.60 16.95 -12.25
N ASN A 105 -12.53 16.85 -13.57
CA ASN A 105 -12.19 15.61 -14.26
C ASN A 105 -10.86 15.01 -13.83
N THR A 106 -9.96 15.86 -13.36
CA THR A 106 -8.66 15.39 -12.91
C THR A 106 -8.54 15.17 -11.40
N ASP A 107 -9.60 15.37 -10.62
CA ASP A 107 -9.59 14.97 -9.21
C ASP A 107 -9.45 13.44 -9.11
N LEU A 108 -8.56 12.99 -8.23
CA LEU A 108 -8.23 11.57 -8.12
C LEU A 108 -9.26 10.88 -7.24
N VAL A 109 -9.75 9.75 -7.71
CA VAL A 109 -10.78 8.96 -7.03
C VAL A 109 -10.14 7.67 -6.49
N PHE A 110 -10.44 7.38 -5.22
CA PHE A 110 -10.20 6.07 -4.61
C PHE A 110 -11.56 5.52 -4.20
N GLY A 111 -11.75 4.23 -4.34
CA GLY A 111 -13.02 3.66 -3.90
C GLY A 111 -12.92 2.17 -3.70
N GLN A 112 -14.05 1.47 -3.87
CA GLN A 112 -14.04 0.02 -3.95
C GLN A 112 -15.07 -0.58 -4.86
N TYR A 113 -16.08 -1.22 -4.34
CA TYR A 113 -16.93 -2.04 -5.20
C TYR A 113 -18.12 -1.33 -5.80
N ARG A 114 -18.49 -0.13 -5.32
CA ARG A 114 -19.76 0.46 -5.77
C ARG A 114 -19.58 1.73 -6.59
N GLU A 115 -18.41 1.85 -7.18
CA GLU A 115 -17.95 3.12 -7.76
C GLU A 115 -17.90 3.12 -9.27
N ALA A 116 -18.42 2.09 -9.91
CA ALA A 116 -18.42 2.04 -11.37
C ALA A 116 -19.11 3.27 -12.00
N GLY A 117 -20.10 3.85 -11.34
CA GLY A 117 -20.77 5.01 -11.88
C GLY A 117 -19.87 6.23 -12.09
N VAL A 118 -18.83 6.35 -11.26
CA VAL A 118 -17.87 7.44 -11.34
C VAL A 118 -17.13 7.28 -12.70
N LEU A 119 -16.69 6.05 -12.97
CA LEU A 119 -16.05 5.72 -14.26
C LEU A 119 -17.01 5.96 -15.44
N MET A 120 -18.25 5.59 -15.28
CA MET A 120 -19.26 5.75 -16.35
C MET A 120 -19.48 7.25 -16.67
N TYR A 121 -19.60 8.04 -15.64
CA TYR A 121 -19.72 9.50 -15.79
C TYR A 121 -18.48 10.09 -16.53
N ARG A 122 -17.31 9.55 -16.21
CA ARG A 122 -16.06 9.94 -16.82
C ARG A 122 -15.78 9.25 -18.16
N ASP A 123 -16.80 8.61 -18.72
CA ASP A 123 -16.79 8.05 -20.07
C ASP A 123 -15.88 6.88 -20.29
N TYR A 124 -15.74 6.05 -19.27
CA TYR A 124 -14.93 4.85 -19.39
C TYR A 124 -15.68 3.95 -20.38
N PRO A 125 -15.01 3.40 -21.38
CA PRO A 125 -15.68 2.59 -22.41
C PRO A 125 -16.35 1.33 -21.85
N LEU A 126 -17.54 1.00 -22.34
CA LEU A 126 -18.15 -0.28 -21.99
C LEU A 126 -17.20 -1.43 -22.25
N GLU A 127 -16.39 -1.33 -23.34
CA GLU A 127 -15.44 -2.36 -23.71
C GLU A 127 -14.43 -2.65 -22.62
N LEU A 128 -14.06 -1.64 -21.83
CA LEU A 128 -13.04 -1.84 -20.79
C LEU A 128 -13.65 -2.31 -19.48
N PHE A 129 -14.84 -1.88 -19.14
CA PHE A 129 -15.58 -2.54 -18.01
C PHE A 129 -15.66 -4.04 -18.27
N MET A 130 -16.11 -4.42 -19.49
CA MET A 130 -16.23 -5.82 -19.89
C MET A 130 -14.88 -6.53 -19.96
N ALA A 131 -13.82 -5.86 -20.45
CA ALA A 131 -12.54 -6.50 -20.55
C ALA A 131 -12.01 -6.89 -19.19
N GLN A 132 -12.23 -6.04 -18.20
CA GLN A 132 -11.76 -6.38 -16.82
C GLN A 132 -12.54 -7.57 -16.27
N CYS A 133 -13.85 -7.55 -16.40
CA CYS A 133 -14.69 -8.64 -15.90
C CYS A 133 -14.37 -9.97 -16.57
N TYR A 134 -13.98 -9.95 -17.86
CA TYR A 134 -13.61 -11.18 -18.58
C TYR A 134 -12.13 -11.52 -18.51
N GLY A 135 -11.34 -10.59 -18.00
CA GLY A 135 -9.91 -10.81 -18.00
C GLY A 135 -9.33 -11.03 -19.38
N ASN A 136 -9.84 -10.32 -20.38
CA ASN A 136 -9.41 -10.56 -21.77
C ASN A 136 -8.22 -9.72 -22.19
N ILE A 137 -7.75 -9.93 -23.42
CA ILE A 137 -6.56 -9.22 -23.90
C ILE A 137 -6.65 -7.71 -23.90
N SER A 138 -7.84 -7.16 -23.95
CA SER A 138 -8.05 -5.71 -23.90
C SER A 138 -7.94 -5.08 -22.49
N ASP A 139 -7.87 -5.89 -21.46
CA ASP A 139 -7.89 -5.42 -20.09
C ASP A 139 -6.51 -4.82 -19.79
N LEU A 140 -6.44 -3.54 -19.45
CA LEU A 140 -5.14 -2.96 -19.08
C LEU A 140 -4.63 -3.48 -17.76
N GLY A 141 -5.52 -4.10 -16.95
CA GLY A 141 -5.14 -4.85 -15.73
C GLY A 141 -4.61 -6.23 -16.02
N LYS A 142 -4.55 -6.61 -17.31
CA LYS A 142 -3.89 -7.81 -17.76
C LYS A 142 -4.54 -9.10 -17.17
N GLY A 143 -5.82 -9.02 -16.88
CA GLY A 143 -6.58 -10.13 -16.35
C GLY A 143 -6.18 -10.63 -14.96
N ARG A 144 -5.50 -9.81 -14.15
CA ARG A 144 -4.93 -10.32 -12.93
C ARG A 144 -5.86 -10.27 -11.74
N GLN A 145 -6.83 -9.38 -11.72
CA GLN A 145 -7.73 -9.24 -10.57
C GLN A 145 -9.09 -9.81 -10.90
N MET A 146 -9.85 -10.15 -9.87
CA MET A 146 -11.19 -10.64 -10.07
C MET A 146 -11.96 -9.54 -10.83
N PRO A 147 -13.22 -9.82 -11.20
CA PRO A 147 -14.08 -8.83 -11.87
C PRO A 147 -14.46 -7.67 -10.96
N VAL A 148 -14.86 -6.60 -11.62
CA VAL A 148 -15.21 -5.30 -11.05
C VAL A 148 -14.08 -4.58 -10.26
N HIS A 149 -12.84 -5.04 -10.45
CA HIS A 149 -11.68 -4.40 -9.84
C HIS A 149 -11.11 -3.45 -10.89
N TYR A 150 -11.90 -2.41 -11.14
CA TYR A 150 -11.60 -1.47 -12.20
C TYR A 150 -10.54 -0.45 -11.79
N GLY A 151 -9.85 0.09 -12.79
CA GLY A 151 -8.97 1.21 -12.60
C GLY A 151 -8.67 1.85 -13.96
N CYS A 152 -8.36 3.15 -13.92
CA CYS A 152 -8.08 3.91 -15.14
C CYS A 152 -7.14 5.07 -14.81
N LYS A 153 -5.92 5.02 -15.35
CA LYS A 153 -4.98 6.10 -15.10
C LYS A 153 -5.45 7.37 -15.81
N GLU A 154 -5.90 7.20 -17.05
CA GLU A 154 -6.36 8.34 -17.85
C GLU A 154 -7.51 9.11 -17.18
N ARG A 155 -8.39 8.39 -16.48
CA ARG A 155 -9.51 9.01 -15.82
C ARG A 155 -9.34 9.09 -14.31
N HIS A 156 -8.10 9.00 -13.84
CA HIS A 156 -7.79 9.36 -12.44
C HIS A 156 -8.67 8.60 -11.46
N PHE A 157 -8.72 7.30 -11.67
CA PHE A 157 -9.53 6.37 -10.87
C PHE A 157 -8.61 5.24 -10.48
N VAL A 158 -8.17 5.28 -9.22
CA VAL A 158 -7.18 4.30 -8.74
C VAL A 158 -7.77 2.90 -8.66
N THR A 159 -7.03 1.93 -9.18
CA THR A 159 -7.43 0.54 -9.23
C THR A 159 -7.92 0.04 -7.86
N ILE A 160 -9.14 -0.47 -7.89
CA ILE A 160 -9.82 -1.07 -6.78
C ILE A 160 -9.07 -2.27 -6.23
N SER A 161 -9.08 -2.47 -4.94
CA SER A 161 -8.59 -3.73 -4.37
C SER A 161 -9.62 -4.31 -3.38
N SER A 162 -9.59 -5.61 -3.17
CA SER A 162 -10.59 -6.26 -2.32
C SER A 162 -10.51 -5.93 -0.81
N PRO A 163 -9.34 -5.82 -0.20
CA PRO A 163 -9.31 -5.52 1.23
C PRO A 163 -9.99 -4.21 1.55
N LEU A 164 -11.05 -4.28 2.34
CA LEU A 164 -11.81 -3.09 2.63
C LEU A 164 -11.00 -2.05 3.40
N ALA A 165 -11.29 -0.78 3.09
CA ALA A 165 -10.83 0.39 3.79
C ALA A 165 -9.33 0.74 3.59
N THR A 166 -8.56 -0.14 2.94
CA THR A 166 -7.17 0.11 2.71
C THR A 166 -6.91 1.38 1.90
N GLN A 167 -7.85 1.74 1.03
CA GLN A 167 -7.76 2.93 0.20
C GLN A 167 -7.92 4.25 0.97
N ILE A 168 -8.46 4.18 2.18
CA ILE A 168 -8.74 5.39 2.95
C ILE A 168 -7.47 6.17 3.34
N PRO A 169 -6.52 5.59 4.07
CA PRO A 169 -5.27 6.31 4.38
C PRO A 169 -4.40 6.60 3.13
N GLN A 170 -4.51 5.76 2.12
CA GLN A 170 -3.84 5.99 0.83
C GLN A 170 -4.37 7.25 0.16
N ALA A 171 -5.68 7.39 0.13
CA ALA A 171 -6.31 8.56 -0.41
C ALA A 171 -5.80 9.84 0.30
N VAL A 172 -5.63 9.76 1.62
CA VAL A 172 -5.15 10.88 2.39
C VAL A 172 -3.70 11.26 1.97
N GLY A 173 -2.84 10.28 1.76
CA GLY A 173 -1.46 10.46 1.30
C GLY A 173 -1.44 11.14 -0.07
N ALA A 174 -2.28 10.70 -0.95
CA ALA A 174 -2.39 11.31 -2.26
C ALA A 174 -2.84 12.74 -2.16
N ALA A 175 -3.74 13.03 -1.25
CA ALA A 175 -4.21 14.39 -1.05
C ALA A 175 -3.09 15.30 -0.47
N TYR A 176 -2.31 14.76 0.45
CA TYR A 176 -1.17 15.46 1.00
C TYR A 176 -0.18 15.81 -0.12
N ALA A 177 0.12 14.86 -0.98
CA ALA A 177 1.00 15.13 -2.13
C ALA A 177 0.42 16.22 -3.04
N ALA A 178 -0.90 16.19 -3.28
CA ALA A 178 -1.56 17.21 -4.11
C ALA A 178 -1.44 18.62 -3.52
N LYS A 179 -1.59 18.71 -2.21
CA LYS A 179 -1.39 19.94 -1.49
C LYS A 179 0.00 20.55 -1.79
N ARG A 180 1.02 19.72 -1.64
CA ARG A 180 2.40 20.13 -1.84
C ARG A 180 2.68 20.55 -3.25
N ALA A 181 2.09 19.85 -4.21
CA ALA A 181 2.27 20.15 -5.61
C ALA A 181 1.53 21.43 -6.02
N ASN A 182 0.70 21.95 -5.12
CA ASN A 182 -0.07 23.16 -5.36
C ASN A 182 -0.97 23.01 -6.58
N ALA A 183 -1.91 22.10 -6.40
CA ALA A 183 -2.57 21.47 -7.51
C ALA A 183 -3.92 22.10 -8.02
N ASN A 184 -4.71 22.64 -7.10
CA ASN A 184 -6.15 22.92 -7.35
C ASN A 184 -6.76 21.56 -7.65
N ARG A 185 -6.33 20.57 -6.89
CA ARG A 185 -6.88 19.24 -7.06
C ARG A 185 -7.37 18.72 -5.69
N VAL A 186 -8.46 17.96 -5.72
N VAL A 186 -8.45 17.95 -5.68
CA VAL A 186 -9.01 17.25 -4.57
CA VAL A 186 -8.87 17.27 -4.48
C VAL A 186 -8.78 15.76 -4.80
C VAL A 186 -8.97 15.79 -4.77
N VAL A 187 -8.83 15.00 -3.71
CA VAL A 187 -9.00 13.57 -3.75
C VAL A 187 -10.36 13.27 -3.12
N ILE A 188 -11.10 12.31 -3.72
CA ILE A 188 -12.31 11.77 -3.12
C ILE A 188 -12.06 10.27 -2.83
N CYS A 189 -12.60 9.80 -1.71
CA CYS A 189 -12.40 8.43 -1.24
C CYS A 189 -13.76 7.87 -0.81
N TYR A 190 -14.23 6.89 -1.55
CA TYR A 190 -15.51 6.26 -1.31
C TYR A 190 -15.32 4.96 -0.51
N PHE A 191 -16.28 4.70 0.39
CA PHE A 191 -16.26 3.46 1.20
C PHE A 191 -17.66 3.32 1.81
N GLY A 192 -17.98 2.10 2.20
CA GLY A 192 -19.23 1.83 2.84
C GLY A 192 -19.17 1.98 4.31
N GLU A 193 -20.35 1.87 4.92
CA GLU A 193 -20.46 2.00 6.38
C GLU A 193 -19.81 0.86 7.16
N GLY A 194 -19.83 -0.32 6.59
CA GLY A 194 -19.09 -1.45 7.12
C GLY A 194 -17.61 -1.20 7.13
N ALA A 195 -17.07 -0.83 5.97
CA ALA A 195 -15.64 -0.56 5.85
C ALA A 195 -15.17 0.49 6.87
N ALA A 196 -16.04 1.43 7.23
CA ALA A 196 -15.71 2.46 8.20
C ALA A 196 -15.37 1.92 9.59
N SER A 197 -15.76 0.68 9.87
CA SER A 197 -15.36 -0.02 11.10
C SER A 197 -13.89 -0.45 11.14
N GLU A 198 -13.22 -0.51 9.99
CA GLU A 198 -11.86 -0.93 9.93
C GLU A 198 -10.90 0.09 10.58
N GLY A 199 -9.81 -0.40 11.14
CA GLY A 199 -8.83 0.50 11.72
C GLY A 199 -8.29 1.53 10.72
N ASP A 200 -8.17 1.15 9.45
CA ASP A 200 -7.66 2.05 8.42
C ASP A 200 -8.55 3.24 8.22
N ALA A 201 -9.84 3.14 8.55
CA ALA A 201 -10.69 4.34 8.49
C ALA A 201 -10.34 5.38 9.56
N HIS A 202 -10.10 4.94 10.78
CA HIS A 202 -9.66 5.82 11.85
C HIS A 202 -8.32 6.48 11.51
N ALA A 203 -7.42 5.71 10.94
CA ALA A 203 -6.13 6.21 10.48
C ALA A 203 -6.36 7.31 9.46
N GLY A 204 -7.10 7.03 8.41
CA GLY A 204 -7.34 8.01 7.37
C GLY A 204 -8.01 9.29 7.85
N PHE A 205 -9.10 9.16 8.58
CA PHE A 205 -9.80 10.32 9.08
C PHE A 205 -8.85 11.20 9.91
N ASN A 206 -8.12 10.59 10.85
CA ASN A 206 -7.28 11.37 11.73
C ASN A 206 -6.10 12.03 10.99
N PHE A 207 -5.43 11.28 10.11
CA PHE A 207 -4.28 11.83 9.34
C PHE A 207 -4.78 13.01 8.49
N ALA A 208 -5.95 12.90 7.92
CA ALA A 208 -6.44 13.94 7.01
C ALA A 208 -6.64 15.27 7.71
N ALA A 209 -7.07 15.18 8.96
CA ALA A 209 -7.30 16.35 9.81
C ALA A 209 -5.98 16.93 10.34
N THR A 210 -5.09 16.12 10.91
CA THR A 210 -3.87 16.65 11.47
C THR A 210 -2.90 17.14 10.44
N LEU A 211 -2.94 16.53 9.26
CA LEU A 211 -2.01 16.86 8.19
C LEU A 211 -2.65 17.83 7.16
N GLU A 212 -3.88 18.23 7.42
CA GLU A 212 -4.62 19.27 6.66
C GLU A 212 -4.65 18.95 5.18
N CYS A 213 -5.36 17.89 4.84
CA CYS A 213 -5.40 17.40 3.49
C CYS A 213 -6.70 17.74 2.77
N PRO A 214 -6.61 18.07 1.47
CA PRO A 214 -7.79 18.35 0.64
C PRO A 214 -8.43 17.10 0.09
N ILE A 215 -9.22 16.48 0.97
CA ILE A 215 -9.86 15.23 0.66
C ILE A 215 -11.32 15.23 1.07
N ILE A 216 -12.13 14.59 0.26
CA ILE A 216 -13.53 14.35 0.54
C ILE A 216 -13.65 12.84 0.86
N PHE A 217 -14.08 12.54 2.08
CA PHE A 217 -14.46 11.20 2.46
C PHE A 217 -15.96 11.05 2.12
N PHE A 218 -16.30 10.08 1.29
CA PHE A 218 -17.67 9.85 0.84
C PHE A 218 -18.10 8.46 1.32
N CYS A 219 -18.90 8.44 2.37
CA CYS A 219 -19.31 7.18 2.97
C CYS A 219 -20.71 6.88 2.47
N ARG A 220 -20.90 5.69 1.89
CA ARG A 220 -22.19 5.19 1.46
C ARG A 220 -22.77 4.38 2.61
N ASN A 221 -23.89 4.82 3.17
CA ASN A 221 -24.52 4.08 4.25
C ASN A 221 -25.84 3.54 3.73
N ASN A 222 -25.85 2.24 3.41
CA ASN A 222 -27.04 1.57 2.94
C ASN A 222 -27.63 0.58 4.00
N GLY A 223 -27.19 0.72 5.25
CA GLY A 223 -27.77 -0.01 6.37
C GLY A 223 -27.28 -1.42 6.56
N TYR A 224 -26.47 -1.93 5.64
CA TYR A 224 -25.97 -3.33 5.71
C TYR A 224 -24.56 -3.49 5.17
N ALA A 225 -23.85 -4.43 5.77
CA ALA A 225 -22.57 -4.92 5.26
C ALA A 225 -22.71 -6.42 5.19
N ILE A 226 -22.89 -6.90 3.97
CA ILE A 226 -23.30 -8.29 3.69
C ILE A 226 -24.58 -8.57 4.50
N SER A 227 -24.51 -9.39 5.56
CA SER A 227 -25.71 -9.73 6.34
C SER A 227 -25.85 -8.90 7.61
N THR A 228 -24.87 -8.04 7.87
CA THR A 228 -24.78 -7.34 9.11
C THR A 228 -25.51 -6.00 9.06
N PRO A 229 -26.60 -5.85 9.84
CA PRO A 229 -27.29 -4.55 9.89
C PRO A 229 -26.46 -3.56 10.69
N THR A 230 -26.75 -2.28 10.51
CA THR A 230 -25.94 -1.28 11.21
C THR A 230 -26.03 -1.30 12.74
N SER A 231 -27.08 -1.91 13.30
CA SER A 231 -27.19 -2.08 14.73
C SER A 231 -26.04 -2.95 15.27
N GLU A 232 -25.43 -3.79 14.42
CA GLU A 232 -24.30 -4.60 14.83
C GLU A 232 -22.95 -4.02 14.33
N GLN A 233 -23.02 -2.93 13.58
CA GLN A 233 -21.85 -2.29 13.02
C GLN A 233 -21.33 -1.13 13.84
N TYR A 234 -22.24 -0.34 14.41
CA TYR A 234 -21.91 0.82 15.25
C TYR A 234 -23.11 1.20 16.13
N ARG A 235 -22.87 2.06 17.11
CA ARG A 235 -23.93 2.52 18.00
C ARG A 235 -24.02 4.03 18.14
N GLY A 236 -23.18 4.79 17.43
CA GLY A 236 -23.40 6.21 17.40
C GLY A 236 -24.33 6.52 16.22
N ASP A 237 -24.47 7.81 15.94
CA ASP A 237 -25.36 8.30 14.88
C ASP A 237 -24.68 8.22 13.50
N GLY A 238 -24.62 7.01 12.99
CA GLY A 238 -23.96 6.72 11.75
C GLY A 238 -22.49 7.15 11.71
N ILE A 239 -22.00 7.36 10.51
CA ILE A 239 -20.62 7.70 10.31
C ILE A 239 -20.48 9.22 10.33
N ALA A 240 -21.51 9.97 9.88
CA ALA A 240 -21.42 11.44 9.88
C ALA A 240 -21.09 12.01 11.27
N ALA A 241 -21.66 11.41 12.31
CA ALA A 241 -21.39 11.85 13.68
C ALA A 241 -19.95 11.64 14.16
N ARG A 242 -19.19 10.76 13.52
CA ARG A 242 -17.79 10.59 13.84
C ARG A 242 -16.91 11.74 13.38
N GLY A 243 -17.33 12.45 12.33
CA GLY A 243 -16.45 13.42 11.69
C GLY A 243 -16.02 14.51 12.66
N PRO A 244 -16.97 15.11 13.34
CA PRO A 244 -16.63 16.19 14.29
C PRO A 244 -15.61 15.82 15.37
N GLY A 245 -15.67 14.58 15.86
CA GLY A 245 -14.67 14.09 16.79
C GLY A 245 -13.26 14.06 16.28
N TYR A 246 -13.10 14.02 14.95
CA TYR A 246 -11.79 14.13 14.31
C TYR A 246 -11.46 15.58 13.88
N GLY A 247 -12.37 16.52 14.07
CA GLY A 247 -12.21 17.88 13.60
C GLY A 247 -12.55 17.99 12.13
N ILE A 248 -13.34 17.05 11.61
CA ILE A 248 -13.72 17.03 10.18
C ILE A 248 -15.13 17.62 9.97
N MET A 249 -15.26 18.61 9.07
CA MET A 249 -16.58 19.14 8.68
C MET A 249 -17.38 18.07 8.02
N SER A 250 -18.61 17.85 8.47
CA SER A 250 -19.39 16.69 8.06
C SER A 250 -20.82 17.03 7.64
N ILE A 251 -21.37 16.23 6.77
CA ILE A 251 -22.77 16.35 6.37
C ILE A 251 -23.37 15.01 6.02
N ARG A 252 -24.68 14.89 6.21
CA ARG A 252 -25.44 13.77 5.77
C ARG A 252 -26.42 14.14 4.65
N VAL A 253 -26.49 13.28 3.62
CA VAL A 253 -27.32 13.58 2.46
C VAL A 253 -28.16 12.40 2.05
N ASP A 254 -29.24 12.70 1.33
CA ASP A 254 -30.14 11.69 0.75
C ASP A 254 -29.53 11.17 -0.53
N GLY A 255 -29.05 9.91 -0.46
CA GLY A 255 -28.37 9.28 -1.57
C GLY A 255 -29.25 8.93 -2.73
N ASN A 256 -30.57 9.07 -2.55
CA ASN A 256 -31.53 8.84 -3.64
C ASN A 256 -31.78 10.16 -4.44
N ASP A 257 -31.13 11.23 -4.02
CA ASP A 257 -31.26 12.56 -4.60
C ASP A 257 -29.94 13.02 -5.18
N VAL A 258 -29.80 12.88 -6.50
N VAL A 258 -29.83 12.92 -6.49
CA VAL A 258 -28.59 13.24 -7.23
CA VAL A 258 -28.61 13.23 -7.23
C VAL A 258 -28.19 14.69 -7.00
C VAL A 258 -28.20 14.69 -7.03
N PHE A 259 -29.17 15.56 -6.84
CA PHE A 259 -28.90 16.98 -6.63
C PHE A 259 -28.38 17.29 -5.24
N ALA A 260 -28.90 16.62 -4.23
CA ALA A 260 -28.36 16.76 -2.88
C ALA A 260 -26.92 16.28 -2.83
N VAL A 261 -26.66 15.15 -3.46
CA VAL A 261 -25.31 14.60 -3.52
C VAL A 261 -24.40 15.58 -4.26
N TYR A 262 -24.87 16.07 -5.40
CA TYR A 262 -24.06 16.98 -6.20
C TYR A 262 -23.70 18.25 -5.37
N ASN A 263 -24.71 18.85 -4.75
CA ASN A 263 -24.51 20.09 -4.02
C ASN A 263 -23.52 19.89 -2.89
N ALA A 264 -23.65 18.80 -2.13
CA ALA A 264 -22.74 18.59 -1.02
C ALA A 264 -21.32 18.38 -1.48
N THR A 265 -21.18 17.62 -2.57
CA THR A 265 -19.87 17.27 -3.13
C THR A 265 -19.21 18.53 -3.68
N LYS A 266 -20.00 19.36 -4.36
CA LYS A 266 -19.44 20.58 -4.98
C LYS A 266 -18.95 21.54 -3.94
N GLU A 267 -19.71 21.74 -2.89
CA GLU A 267 -19.29 22.63 -1.83
C GLU A 267 -18.10 22.03 -1.05
N ALA A 268 -18.17 20.75 -0.73
CA ALA A 268 -17.03 20.07 -0.11
C ALA A 268 -15.78 20.24 -0.94
N ARG A 269 -15.89 20.09 -2.25
CA ARG A 269 -14.72 20.21 -3.10
C ARG A 269 -14.15 21.64 -3.05
N ARG A 270 -15.05 22.61 -3.16
CA ARG A 270 -14.63 24.01 -3.15
C ARG A 270 -13.86 24.36 -1.88
N ARG A 271 -14.41 23.98 -0.74
CA ARG A 271 -13.80 24.30 0.54
C ARG A 271 -12.53 23.45 0.82
N ALA A 272 -12.56 22.16 0.46
CA ALA A 272 -11.40 21.32 0.70
C ALA A 272 -10.18 21.85 -0.01
N VAL A 273 -10.34 22.23 -1.28
N VAL A 273 -10.34 22.22 -1.28
CA VAL A 273 -9.21 22.66 -2.08
CA VAL A 273 -9.22 22.67 -2.09
C VAL A 273 -8.71 24.02 -1.59
C VAL A 273 -8.70 24.03 -1.60
N ALA A 274 -9.62 24.89 -1.18
CA ALA A 274 -9.27 26.23 -0.74
C ALA A 274 -8.63 26.21 0.65
N GLU A 275 -9.17 25.40 1.56
CA GLU A 275 -8.82 25.47 2.96
C GLU A 275 -7.83 24.38 3.37
N ASN A 276 -7.54 23.45 2.45
CA ASN A 276 -6.75 22.28 2.80
C ASN A 276 -7.29 21.66 4.09
N GLN A 277 -8.53 21.22 4.03
CA GLN A 277 -9.15 20.54 5.12
C GLN A 277 -10.11 19.49 4.60
N PRO A 278 -10.18 18.37 5.31
CA PRO A 278 -11.06 17.26 4.90
C PRO A 278 -12.55 17.53 5.13
N PHE A 279 -13.40 16.92 4.31
CA PHE A 279 -14.85 16.95 4.47
C PHE A 279 -15.36 15.55 4.43
N LEU A 280 -16.40 15.27 5.22
CA LEU A 280 -17.07 13.97 5.26
C LEU A 280 -18.51 14.08 4.85
N ILE A 281 -18.87 13.34 3.83
CA ILE A 281 -20.24 13.25 3.34
C ILE A 281 -20.72 11.83 3.58
N GLU A 282 -21.82 11.67 4.31
CA GLU A 282 -22.42 10.36 4.49
C GLU A 282 -23.73 10.39 3.70
N ALA A 283 -23.80 9.59 2.64
CA ALA A 283 -25.00 9.48 1.82
C ALA A 283 -25.74 8.26 2.20
N MET A 284 -26.98 8.48 2.58
CA MET A 284 -27.89 7.44 3.00
C MET A 284 -28.59 6.84 1.75
N THR A 285 -28.43 5.53 1.57
CA THR A 285 -29.08 4.84 0.50
C THR A 285 -29.80 3.59 1.01
N TYR A 286 -30.41 2.89 0.05
CA TYR A 286 -31.06 1.61 0.32
C TYR A 286 -30.24 0.47 -0.24
N ARG A 287 -30.42 -0.67 0.39
CA ARG A 287 -29.82 -1.88 -0.12
C ARG A 287 -30.83 -2.45 -1.12
N ILE A 288 -30.36 -2.55 -2.36
CA ILE A 288 -31.16 -2.96 -3.51
C ILE A 288 -30.29 -3.89 -4.34
N ASP A 313 -38.78 6.17 -5.04
CA ASP A 313 -37.77 6.03 -3.98
C ASP A 313 -36.52 5.28 -4.52
N HIS A 314 -36.15 5.62 -5.75
CA HIS A 314 -34.89 5.20 -6.34
C HIS A 314 -34.30 6.44 -7.06
N PRO A 315 -32.97 6.57 -7.08
CA PRO A 315 -32.37 7.76 -7.71
C PRO A 315 -32.72 7.92 -9.18
N ILE A 316 -32.92 6.84 -9.92
CA ILE A 316 -33.15 6.94 -11.38
C ILE A 316 -34.56 7.46 -11.58
N SER A 317 -35.52 6.86 -10.90
CA SER A 317 -36.93 7.35 -10.93
C SER A 317 -37.12 8.81 -10.49
N ARG A 318 -36.43 9.20 -9.44
CA ARG A 318 -36.59 10.56 -8.96
C ARG A 318 -36.07 11.56 -10.01
N LEU A 319 -34.90 11.27 -10.57
CA LEU A 319 -34.35 12.16 -11.59
C LEU A 319 -35.25 12.18 -12.84
N ARG A 320 -35.78 11.01 -13.20
CA ARG A 320 -36.73 10.92 -14.30
C ARG A 320 -37.93 11.87 -14.10
N HIS A 321 -38.51 11.87 -12.92
CA HIS A 321 -39.62 12.80 -12.61
C HIS A 321 -39.15 14.25 -12.76
N TYR A 322 -37.92 14.54 -12.34
CA TYR A 322 -37.41 15.89 -12.55
C TYR A 322 -37.35 16.25 -14.00
N LEU A 323 -36.72 15.40 -14.81
CA LEU A 323 -36.65 15.58 -16.25
C LEU A 323 -38.05 15.88 -16.88
N LEU A 324 -39.03 15.04 -16.59
CA LEU A 324 -40.39 15.23 -17.13
C LEU A 324 -40.97 16.60 -16.75
N SER A 325 -40.75 17.03 -15.48
CA SER A 325 -41.25 18.32 -15.00
C SER A 325 -40.65 19.50 -15.76
N GLN A 326 -39.42 19.36 -16.23
CA GLN A 326 -38.79 20.45 -17.01
C GLN A 326 -39.12 20.39 -18.50
N GLY A 327 -39.74 19.32 -18.92
CA GLY A 327 -39.95 19.05 -20.34
C GLY A 327 -38.74 18.54 -21.06
N TRP A 328 -37.86 17.88 -20.30
CA TRP A 328 -36.57 17.41 -20.79
C TRP A 328 -36.55 15.95 -21.20
N TRP A 329 -37.65 15.26 -20.96
CA TRP A 329 -37.71 13.81 -21.34
C TRP A 329 -39.15 13.39 -21.48
N ASP A 330 -39.37 12.24 -22.10
CA ASP A 330 -40.73 11.74 -22.30
C ASP A 330 -40.66 10.24 -22.52
N GLU A 331 -41.82 9.62 -22.64
CA GLU A 331 -41.88 8.15 -22.81
C GLU A 331 -41.19 7.67 -24.06
N GLU A 332 -41.35 8.37 -25.16
CA GLU A 332 -40.65 7.98 -26.39
C GLU A 332 -39.14 7.98 -26.23
N GLN A 333 -38.60 9.01 -25.58
CA GLN A 333 -37.16 9.08 -25.34
C GLN A 333 -36.71 7.98 -24.38
N GLU A 334 -37.49 7.73 -23.35
CA GLU A 334 -37.22 6.69 -22.37
C GLU A 334 -37.10 5.32 -23.07
N LYS A 335 -38.09 5.00 -23.90
CA LYS A 335 -38.12 3.73 -24.64
C LYS A 335 -36.95 3.59 -25.58
N ALA A 336 -36.67 4.64 -26.35
CA ALA A 336 -35.58 4.62 -27.28
C ALA A 336 -34.21 4.47 -26.59
N TRP A 337 -34.02 5.12 -25.45
CA TRP A 337 -32.73 5.06 -24.78
C TRP A 337 -32.55 3.69 -24.12
N ARG A 338 -33.63 3.15 -23.55
CA ARG A 338 -33.66 1.78 -23.01
C ARG A 338 -33.18 0.77 -24.06
N LYS A 339 -33.62 0.95 -25.31
CA LYS A 339 -33.24 0.07 -26.43
C LYS A 339 -31.82 0.30 -26.88
N GLN A 340 -31.43 1.57 -27.02
CA GLN A 340 -30.08 1.91 -27.46
C GLN A 340 -29.01 1.48 -26.42
N SER A 341 -29.35 1.61 -25.14
CA SER A 341 -28.36 1.33 -24.09
C SER A 341 -28.19 -0.21 -23.99
N ARG A 342 -29.30 -0.95 -24.13
CA ARG A 342 -29.23 -2.41 -24.16
C ARG A 342 -28.39 -2.88 -25.35
N ARG A 343 -28.59 -2.28 -26.52
CA ARG A 343 -27.78 -2.62 -27.68
C ARG A 343 -26.30 -2.29 -27.47
N LYS A 344 -25.99 -1.13 -26.91
CA LYS A 344 -24.60 -0.75 -26.69
C LYS A 344 -23.93 -1.73 -25.69
N VAL A 345 -24.64 -2.08 -24.63
CA VAL A 345 -24.08 -3.00 -23.65
C VAL A 345 -23.92 -4.38 -24.24
N MET A 346 -24.91 -4.84 -25.01
CA MET A 346 -24.82 -6.18 -25.59
C MET A 346 -23.70 -6.29 -26.62
N GLU A 347 -23.46 -5.25 -27.40
CA GLU A 347 -22.35 -5.25 -28.36
C GLU A 347 -20.99 -5.40 -27.64
N ALA A 348 -20.80 -4.63 -26.57
CA ALA A 348 -19.58 -4.67 -25.78
C ALA A 348 -19.43 -6.06 -25.14
N PHE A 349 -20.54 -6.60 -24.64
CA PHE A 349 -20.58 -7.89 -23.95
C PHE A 349 -20.14 -9.03 -24.87
N GLU A 350 -20.79 -9.13 -26.01
CA GLU A 350 -20.43 -10.11 -27.05
C GLU A 350 -18.98 -10.02 -27.52
N GLN A 351 -18.50 -8.80 -27.78
CA GLN A 351 -17.10 -8.60 -28.15
C GLN A 351 -16.16 -9.07 -27.04
N ALA A 352 -16.53 -8.80 -25.79
CA ALA A 352 -15.68 -9.12 -24.68
C ALA A 352 -15.56 -10.62 -24.52
N GLU A 353 -16.68 -11.33 -24.70
CA GLU A 353 -16.67 -12.79 -24.60
C GLU A 353 -15.87 -13.51 -25.67
N ARG A 354 -15.71 -12.92 -26.83
N ARG A 354 -15.84 -12.86 -26.83
CA ARG A 354 -15.06 -13.66 -27.90
CA ARG A 354 -15.19 -13.30 -28.09
C ARG A 354 -13.60 -13.26 -28.10
C ARG A 354 -13.67 -13.35 -27.95
N LYS A 355 -13.11 -12.33 -27.29
CA LYS A 355 -11.68 -12.05 -27.23
C LYS A 355 -10.94 -13.12 -26.46
N PRO A 356 -9.70 -13.40 -26.85
CA PRO A 356 -8.86 -14.31 -26.06
C PRO A 356 -8.39 -13.64 -24.76
N LYS A 357 -7.90 -14.45 -23.85
CA LYS A 357 -7.28 -13.99 -22.63
C LYS A 357 -5.83 -13.63 -22.97
N PRO A 358 -5.14 -12.91 -22.09
CA PRO A 358 -3.80 -12.41 -22.40
C PRO A 358 -2.80 -13.53 -22.42
N ASN A 359 -1.60 -13.25 -22.92
CA ASN A 359 -0.51 -14.24 -22.88
C ASN A 359 -0.19 -14.67 -21.43
N PRO A 360 -0.07 -15.95 -21.12
CA PRO A 360 0.29 -16.44 -19.79
C PRO A 360 1.59 -15.86 -19.22
N ASN A 361 2.45 -15.34 -20.10
CA ASN A 361 3.65 -14.61 -19.70
C ASN A 361 3.40 -13.39 -18.82
N LEU A 362 2.22 -12.81 -18.95
CA LEU A 362 1.80 -11.68 -18.18
C LEU A 362 1.52 -12.04 -16.72
N LEU A 363 1.57 -13.30 -16.35
CA LEU A 363 1.44 -13.75 -14.98
C LEU A 363 2.69 -13.34 -14.17
N PHE A 364 3.80 -13.12 -14.89
CA PHE A 364 5.11 -12.82 -14.28
C PHE A 364 5.57 -11.36 -14.29
N SER A 365 4.98 -10.52 -15.14
CA SER A 365 5.40 -9.11 -15.23
C SER A 365 4.69 -8.26 -14.21
N ASP A 366 5.34 -7.16 -13.82
CA ASP A 366 4.78 -6.09 -12.96
C ASP A 366 4.71 -6.49 -11.49
N VAL A 367 5.28 -7.62 -11.13
CA VAL A 367 5.39 -8.01 -9.72
C VAL A 367 6.32 -6.99 -9.07
N TYR A 368 7.50 -6.81 -9.69
CA TYR A 368 8.34 -5.63 -9.48
C TYR A 368 8.26 -4.83 -10.80
N GLN A 369 8.84 -3.66 -10.85
CA GLN A 369 8.84 -2.93 -12.13
C GLN A 369 9.57 -3.77 -13.15
N GLU A 370 10.81 -4.10 -12.81
CA GLU A 370 11.68 -4.99 -13.60
C GLU A 370 11.29 -6.42 -13.24
N MET A 371 11.79 -7.42 -13.96
CA MET A 371 11.56 -8.82 -13.61
C MET A 371 12.85 -9.37 -13.05
N PRO A 372 12.89 -9.69 -11.76
CA PRO A 372 14.09 -10.33 -11.22
C PRO A 372 14.42 -11.62 -11.91
N ALA A 373 15.71 -11.93 -11.90
CA ALA A 373 16.24 -13.06 -12.63
C ALA A 373 15.62 -14.36 -12.15
N GLN A 374 15.40 -14.49 -10.85
CA GLN A 374 14.80 -15.72 -10.30
C GLN A 374 13.34 -15.83 -10.73
N LEU A 375 12.67 -14.72 -10.91
CA LEU A 375 11.32 -14.75 -11.45
C LEU A 375 11.31 -15.12 -12.91
N ARG A 376 12.23 -14.57 -13.69
CA ARG A 376 12.39 -14.96 -15.09
C ARG A 376 12.64 -16.49 -15.21
N LYS A 377 13.41 -17.04 -14.31
CA LYS A 377 13.65 -18.46 -14.23
C LYS A 377 12.33 -19.24 -14.05
N GLN A 378 11.42 -18.75 -13.19
CA GLN A 378 10.11 -19.39 -13.07
C GLN A 378 9.30 -19.30 -14.35
N GLN A 379 9.38 -18.16 -15.01
CA GLN A 379 8.69 -17.98 -16.29
C GLN A 379 9.21 -18.98 -17.33
N GLU A 380 10.53 -19.12 -17.42
CA GLU A 380 11.15 -20.09 -18.31
C GLU A 380 10.74 -21.53 -17.96
N SER A 381 10.62 -21.85 -16.65
N SER A 381 10.61 -21.84 -16.66
CA SER A 381 10.15 -23.15 -16.20
CA SER A 381 10.16 -23.16 -16.22
C SER A 381 8.77 -23.43 -16.76
C SER A 381 8.75 -23.46 -16.69
N LEU A 382 7.90 -22.43 -16.71
CA LEU A 382 6.54 -22.59 -17.21
C LEU A 382 6.55 -22.83 -18.71
N ALA A 383 7.37 -22.09 -19.45
CA ALA A 383 7.39 -22.23 -20.90
C ALA A 383 7.86 -23.64 -21.26
N ARG A 384 8.89 -24.14 -20.57
CA ARG A 384 9.36 -25.52 -20.80
C ARG A 384 8.28 -26.54 -20.47
N HIS A 385 7.56 -26.30 -19.38
CA HIS A 385 6.54 -27.21 -18.95
C HIS A 385 5.45 -27.30 -19.98
N LEU A 386 5.03 -26.14 -20.54
CA LEU A 386 3.98 -26.12 -21.52
C LEU A 386 4.37 -26.75 -22.87
N GLN A 387 5.65 -26.69 -23.23
CA GLN A 387 6.16 -27.33 -24.44
C GLN A 387 5.84 -28.83 -24.37
N THR A 388 6.02 -29.42 -23.19
CA THR A 388 5.82 -30.85 -22.97
C THR A 388 4.36 -31.23 -22.61
N TYR A 389 3.75 -30.47 -21.70
CA TYR A 389 2.49 -30.87 -21.11
C TYR A 389 1.35 -29.99 -21.55
N GLY A 390 1.56 -29.18 -22.59
CA GLY A 390 0.64 -28.15 -23.03
C GLY A 390 -0.76 -28.58 -23.39
N GLU A 391 -0.91 -29.82 -23.86
CA GLU A 391 -2.25 -30.33 -24.17
C GLU A 391 -3.15 -30.39 -22.94
N HIS A 392 -2.58 -30.39 -21.74
CA HIS A 392 -3.41 -30.42 -20.51
C HIS A 392 -3.83 -29.01 -19.98
N TYR A 393 -3.58 -27.95 -20.76
CA TYR A 393 -3.83 -26.57 -20.35
C TYR A 393 -4.68 -25.89 -21.40
N PRO A 394 -5.45 -24.88 -21.03
CA PRO A 394 -6.30 -24.16 -21.99
C PRO A 394 -5.60 -23.18 -22.92
N LEU A 395 -4.57 -23.62 -23.62
CA LEU A 395 -3.69 -22.72 -24.33
C LEU A 395 -4.42 -21.96 -25.47
N ASP A 396 -5.53 -22.50 -25.96
CA ASP A 396 -6.20 -21.99 -27.16
C ASP A 396 -7.06 -20.77 -26.85
N HIS A 397 -7.34 -20.58 -25.57
CA HIS A 397 -8.11 -19.49 -25.07
C HIS A 397 -7.20 -18.28 -24.77
N PHE A 398 -5.89 -18.51 -24.73
CA PHE A 398 -4.94 -17.49 -24.36
C PHE A 398 -4.11 -17.03 -25.54
N ASP A 399 -3.85 -15.73 -25.56
CA ASP A 399 -3.10 -15.09 -26.62
C ASP A 399 -1.68 -15.67 -26.74
N LYS A 400 -1.22 -15.60 -28.01
CA LYS A 400 0.03 -16.17 -28.52
C LYS A 400 0.22 -17.61 -28.08
N ALA B 2 29.76 -6.62 25.13
CA ALA B 2 29.20 -6.46 23.76
C ALA B 2 29.51 -7.72 22.92
N HIS B 3 28.52 -8.23 22.19
CA HIS B 3 28.63 -9.50 21.48
C HIS B 3 29.29 -9.49 20.09
N PHE B 4 29.60 -8.29 19.58
CA PHE B 4 30.24 -8.13 18.28
C PHE B 4 31.35 -7.05 18.39
N THR B 5 32.22 -7.03 17.37
CA THR B 5 33.19 -5.96 17.15
C THR B 5 33.12 -5.46 15.69
N PHE B 6 32.73 -4.18 15.53
CA PHE B 6 32.76 -3.52 14.23
C PHE B 6 34.18 -3.07 13.92
N GLN B 7 34.63 -3.21 12.68
CA GLN B 7 36.00 -2.84 12.32
C GLN B 7 36.19 -1.73 11.25
N PRO B 8 36.21 -2.08 9.95
CA PRO B 8 36.95 -1.25 8.97
C PRO B 8 36.32 0.14 8.70
N GLU B 14 37.59 7.30 -4.14
CA GLU B 14 36.71 6.54 -5.05
C GLU B 14 35.32 7.13 -5.15
N TYR B 15 34.87 7.84 -4.11
CA TYR B 15 33.53 8.48 -4.10
C TYR B 15 33.58 9.98 -3.72
N GLY B 16 34.78 10.56 -3.74
CA GLY B 16 34.94 11.96 -3.36
C GLY B 16 35.20 12.11 -1.87
N GLN B 17 34.98 13.30 -1.36
CA GLN B 17 35.26 13.57 0.02
C GLN B 17 34.42 12.73 0.97
N THR B 18 35.07 12.17 1.98
CA THR B 18 34.39 11.44 3.06
C THR B 18 34.57 12.13 4.42
N GLN B 19 33.71 11.74 5.35
CA GLN B 19 33.91 12.07 6.76
C GLN B 19 33.43 10.93 7.64
N LYS B 20 33.96 10.90 8.87
CA LYS B 20 33.63 9.86 9.81
C LYS B 20 32.15 10.03 10.21
N MET B 21 31.42 8.94 10.09
CA MET B 21 30.00 8.92 10.45
C MET B 21 29.73 7.58 11.10
N ASN B 22 28.89 7.60 12.15
CA ASN B 22 28.29 6.39 12.69
C ASN B 22 27.03 6.06 11.83
N LEU B 23 26.36 4.97 12.14
CA LEU B 23 25.28 4.49 11.28
C LEU B 23 24.13 5.49 11.32
N PHE B 24 23.78 6.07 12.47
CA PHE B 24 22.66 7.04 12.42
C PHE B 24 22.97 8.28 11.55
N GLN B 25 24.21 8.75 11.64
CA GLN B 25 24.67 9.87 10.83
C GLN B 25 24.65 9.57 9.35
N SER B 26 25.02 8.36 8.98
CA SER B 26 25.03 7.94 7.59
C SER B 26 23.60 7.88 7.05
N VAL B 27 22.65 7.52 7.91
CA VAL B 27 21.22 7.59 7.51
C VAL B 27 20.77 9.02 7.25
N THR B 28 21.10 9.92 8.17
CA THR B 28 20.81 11.31 8.04
C THR B 28 21.42 11.91 6.75
N SER B 29 22.62 11.48 6.43
CA SER B 29 23.32 11.96 5.23
C SER B 29 22.60 11.48 3.95
N ALA B 30 22.26 10.20 3.92
CA ALA B 30 21.38 9.68 2.83
C ALA B 30 20.11 10.48 2.66
N LEU B 31 19.41 10.72 3.79
CA LEU B 31 18.15 11.39 3.76
C LEU B 31 18.33 12.82 3.29
N ASP B 32 19.41 13.45 3.75
CA ASP B 32 19.74 14.82 3.36
C ASP B 32 20.03 14.93 1.83
N ASN B 33 20.90 14.08 1.33
CA ASN B 33 21.17 14.02 -0.12
C ASN B 33 19.87 13.81 -0.92
N SER B 34 19.00 12.94 -0.39
CA SER B 34 17.75 12.61 -1.07
C SER B 34 16.86 13.82 -1.18
N LEU B 35 16.61 14.51 -0.07
CA LEU B 35 15.76 15.67 -0.10
C LEU B 35 16.35 16.82 -0.96
N ALA B 36 17.66 16.91 -1.01
CA ALA B 36 18.34 17.97 -1.75
C ALA B 36 18.09 17.79 -3.22
N LYS B 37 18.09 16.56 -3.68
CA LYS B 37 18.08 16.32 -5.12
C LYS B 37 16.73 15.93 -5.67
N ASP B 38 15.77 15.66 -4.77
CA ASP B 38 14.45 15.25 -5.17
C ASP B 38 13.45 16.12 -4.42
N PRO B 39 12.95 17.16 -5.09
CA PRO B 39 12.02 18.10 -4.46
C PRO B 39 10.65 17.51 -4.04
N THR B 40 10.33 16.32 -4.53
CA THR B 40 9.08 15.70 -4.13
C THR B 40 9.21 14.95 -2.80
N ALA B 41 10.43 14.65 -2.39
CA ALA B 41 10.68 13.70 -1.32
C ALA B 41 10.22 14.31 0.04
N VAL B 42 9.56 13.48 0.84
CA VAL B 42 9.15 13.85 2.19
C VAL B 42 9.47 12.69 3.13
N ILE B 43 9.65 13.02 4.40
CA ILE B 43 9.99 12.05 5.46
C ILE B 43 8.96 12.22 6.54
N PHE B 44 8.40 11.12 7.04
CA PHE B 44 7.31 11.25 8.03
C PHE B 44 7.22 9.98 8.85
N GLY B 45 6.61 10.13 10.02
CA GLY B 45 6.45 9.05 10.96
C GLY B 45 6.32 9.63 12.35
N GLU B 46 6.41 8.75 13.33
CA GLU B 46 6.34 9.15 14.74
C GLU B 46 7.66 9.82 15.20
N ASP B 47 7.51 11.04 15.72
CA ASP B 47 8.59 11.80 16.35
C ASP B 47 9.79 12.06 15.42
N VAL B 48 9.54 12.13 14.11
CA VAL B 48 10.66 12.41 13.20
C VAL B 48 11.05 13.90 13.18
N ALA B 49 10.11 14.78 13.50
CA ALA B 49 10.34 16.23 13.34
C ALA B 49 11.51 16.77 14.20
N PHE B 50 11.57 16.36 15.46
CA PHE B 50 12.63 16.78 16.35
C PHE B 50 13.94 16.05 16.15
N GLY B 51 13.99 15.10 15.24
CA GLY B 51 15.22 14.39 14.96
C GLY B 51 15.14 12.90 15.14
N GLY B 52 14.02 12.41 15.64
CA GLY B 52 13.81 10.98 15.80
C GLY B 52 14.37 10.42 17.08
N VAL B 53 13.80 9.31 17.54
CA VAL B 53 14.25 8.74 18.79
C VAL B 53 15.66 8.17 18.75
N PHE B 54 16.12 7.85 17.54
CA PHE B 54 17.50 7.44 17.32
C PHE B 54 18.33 8.48 16.54
N ARG B 55 17.85 9.71 16.51
CA ARG B 55 18.57 10.88 15.92
C ARG B 55 18.74 10.84 14.38
N CYS B 56 18.03 9.95 13.70
CA CYS B 56 18.29 9.76 12.28
C CYS B 56 17.80 10.93 11.42
N THR B 57 16.94 11.80 11.95
CA THR B 57 16.42 12.92 11.17
C THR B 57 16.76 14.30 11.72
N VAL B 58 17.78 14.36 12.58
CA VAL B 58 18.22 15.62 13.18
C VAL B 58 18.56 16.59 12.10
N GLY B 59 18.00 17.79 12.20
CA GLY B 59 18.35 18.92 11.35
C GLY B 59 17.57 19.02 10.05
N LEU B 60 16.86 17.96 9.73
CA LEU B 60 16.29 17.85 8.39
C LEU B 60 15.09 18.75 8.21
N ARG B 61 14.27 18.86 9.24
CA ARG B 61 13.10 19.74 9.20
C ARG B 61 13.52 21.20 9.11
N ASP B 62 14.53 21.61 9.86
CA ASP B 62 15.01 23.00 9.79
C ASP B 62 15.54 23.31 8.39
N LYS B 63 16.23 22.38 7.76
CA LYS B 63 16.80 22.56 6.45
C LYS B 63 15.80 22.51 5.33
N TYR B 64 14.83 21.56 5.38
CA TYR B 64 13.92 21.32 4.24
C TYR B 64 12.46 21.77 4.39
N GLY B 65 12.05 22.07 5.61
CA GLY B 65 10.75 22.62 5.92
C GLY B 65 9.82 21.65 6.62
N LYS B 66 8.87 22.22 7.33
CA LYS B 66 7.92 21.43 8.10
C LYS B 66 6.96 20.61 7.20
N ASP B 67 6.79 21.03 5.95
CA ASP B 67 5.95 20.28 5.00
C ASP B 67 6.68 19.07 4.41
N ARG B 68 7.98 18.95 4.63
CA ARG B 68 8.75 17.82 4.10
C ARG B 68 9.29 16.86 5.14
N VAL B 69 9.33 17.27 6.40
CA VAL B 69 9.84 16.42 7.48
C VAL B 69 8.87 16.62 8.64
N PHE B 70 7.98 15.67 8.84
CA PHE B 70 6.84 15.89 9.72
C PHE B 70 6.36 14.66 10.47
N ASN B 71 5.74 14.95 11.59
CA ASN B 71 5.19 13.93 12.48
C ASN B 71 3.83 13.52 12.01
N THR B 72 3.54 12.23 12.13
CA THR B 72 2.21 11.69 11.98
C THR B 72 1.58 11.37 13.34
N PRO B 73 0.28 11.12 13.34
CA PRO B 73 -0.36 10.50 14.51
C PRO B 73 0.27 9.10 14.75
N LEU B 74 0.03 8.60 15.94
CA LEU B 74 0.64 7.37 16.41
C LEU B 74 -0.16 6.18 15.88
N CYS B 75 0.17 5.75 14.67
CA CYS B 75 -0.70 4.84 13.94
C CYS B 75 0.06 4.22 12.79
N GLU B 76 0.66 3.05 13.02
CA GLU B 76 1.53 2.48 11.98
C GLU B 76 0.78 2.06 10.70
N GLN B 77 -0.41 1.53 10.82
CA GLN B 77 -1.18 1.18 9.61
C GLN B 77 -1.43 2.46 8.80
N GLY B 78 -1.70 3.57 9.48
CA GLY B 78 -1.86 4.87 8.81
C GLY B 78 -0.58 5.38 8.17
N ILE B 79 0.57 5.19 8.83
CA ILE B 79 1.83 5.68 8.30
C ILE B 79 2.14 5.02 6.96
N VAL B 80 1.96 3.69 6.88
CA VAL B 80 2.20 3.01 5.65
C VAL B 80 1.15 3.30 4.59
N GLY B 81 -0.11 3.27 4.96
CA GLY B 81 -1.14 3.62 3.99
C GLY B 81 -0.96 5.01 3.38
N PHE B 82 -0.71 5.98 4.25
CA PHE B 82 -0.40 7.36 3.86
C PHE B 82 0.81 7.43 2.88
N GLY B 83 1.87 6.73 3.23
CA GLY B 83 3.04 6.65 2.37
C GLY B 83 2.76 6.06 1.02
N ILE B 84 1.99 4.98 0.98
CA ILE B 84 1.57 4.42 -0.31
C ILE B 84 0.91 5.47 -1.18
N GLY B 85 -0.02 6.20 -0.58
CA GLY B 85 -0.77 7.24 -1.24
C GLY B 85 0.10 8.36 -1.78
N ILE B 86 1.08 8.80 -1.01
CA ILE B 86 2.05 9.74 -1.57
C ILE B 86 2.70 9.17 -2.82
N ALA B 87 3.17 7.94 -2.72
CA ALA B 87 3.89 7.30 -3.77
C ALA B 87 3.03 7.06 -5.00
N VAL B 88 1.73 6.84 -4.83
CA VAL B 88 0.81 6.67 -5.96
C VAL B 88 0.83 7.90 -6.88
N THR B 89 1.09 9.06 -6.30
CA THR B 89 1.19 10.30 -7.09
C THR B 89 2.56 10.53 -7.73
N GLY B 90 3.54 9.71 -7.40
CA GLY B 90 4.89 9.77 -7.99
C GLY B 90 5.91 10.47 -7.10
N ALA B 91 5.45 11.02 -5.97
CA ALA B 91 6.33 11.70 -5.00
C ALA B 91 7.04 10.65 -4.15
N THR B 92 8.29 10.94 -3.78
CA THR B 92 9.10 10.04 -2.97
C THR B 92 8.64 10.14 -1.52
N ALA B 93 8.27 9.00 -0.93
CA ALA B 93 7.73 8.93 0.42
C ALA B 93 8.63 8.06 1.26
N ILE B 94 9.29 8.67 2.24
CA ILE B 94 10.21 7.96 3.11
C ILE B 94 9.56 7.87 4.51
N ALA B 95 8.93 6.73 4.77
CA ALA B 95 8.19 6.55 6.00
C ALA B 95 9.13 5.99 7.06
N GLU B 96 8.92 6.33 8.32
CA GLU B 96 9.62 5.70 9.38
C GLU B 96 8.66 4.92 10.27
N ILE B 97 9.04 3.68 10.63
CA ILE B 97 8.37 2.88 11.65
C ILE B 97 9.35 2.83 12.79
N GLN B 98 8.91 3.23 13.98
CA GLN B 98 9.83 3.58 15.07
C GLN B 98 10.75 2.45 15.56
N PHE B 99 10.22 1.23 15.66
CA PHE B 99 10.96 -0.02 15.88
C PHE B 99 10.35 -1.02 14.90
N ALA B 100 11.16 -1.89 14.33
CA ALA B 100 10.69 -2.93 13.40
C ALA B 100 9.63 -3.82 14.08
N ASP B 101 9.76 -3.95 15.39
CA ASP B 101 8.79 -4.67 16.22
C ASP B 101 7.38 -4.15 16.07
N TYR B 102 7.23 -2.86 15.71
CA TYR B 102 5.95 -2.23 15.57
C TYR B 102 5.56 -2.09 14.10
N ILE B 103 6.19 -2.85 13.20
CA ILE B 103 5.79 -2.81 11.80
C ILE B 103 4.50 -3.62 11.53
N PHE B 104 4.18 -4.55 12.44
CA PHE B 104 3.10 -5.48 12.19
C PHE B 104 1.70 -4.89 11.98
N PRO B 105 1.33 -3.81 12.67
CA PRO B 105 0.07 -3.17 12.35
C PRO B 105 -0.08 -2.76 10.90
N ALA B 106 1.04 -2.51 10.22
CA ALA B 106 1.08 -2.14 8.81
C ALA B 106 1.24 -3.33 7.90
N PHE B 107 1.19 -4.56 8.46
CA PHE B 107 1.45 -5.72 7.63
C PHE B 107 0.50 -5.87 6.45
N ASP B 108 -0.77 -5.59 6.69
CA ASP B 108 -1.79 -5.66 5.67
C ASP B 108 -1.51 -4.61 4.59
N GLN B 109 -1.21 -3.38 5.02
CA GLN B 109 -0.87 -2.36 4.02
C GLN B 109 0.40 -2.71 3.23
N ILE B 110 1.38 -3.36 3.83
CA ILE B 110 2.60 -3.73 3.15
C ILE B 110 2.37 -4.93 2.20
N VAL B 111 1.76 -6.00 2.68
CA VAL B 111 1.67 -7.26 1.97
C VAL B 111 0.51 -7.27 0.95
N ASN B 112 -0.68 -6.82 1.40
CA ASN B 112 -1.83 -6.83 0.50
C ASN B 112 -1.92 -5.62 -0.44
N GLU B 113 -1.34 -4.49 -0.04
CA GLU B 113 -1.39 -3.25 -0.80
C GLU B 113 -0.06 -2.89 -1.50
N ALA B 114 0.92 -2.40 -0.74
CA ALA B 114 2.18 -1.99 -1.35
C ALA B 114 2.79 -3.01 -2.32
N ALA B 115 2.92 -4.27 -1.87
CA ALA B 115 3.60 -5.28 -2.63
C ALA B 115 2.87 -5.61 -3.96
N LYS B 116 1.55 -5.47 -3.97
CA LYS B 116 0.68 -5.89 -5.05
C LYS B 116 0.18 -4.77 -5.91
N TYR B 117 0.55 -3.54 -5.58
CA TYR B 117 -0.01 -2.34 -6.21
C TYR B 117 0.22 -2.31 -7.72
N ARG B 118 1.45 -2.59 -8.12
CA ARG B 118 1.83 -2.54 -9.53
C ARG B 118 1.21 -3.70 -10.32
N TYR B 119 1.38 -4.91 -9.80
CA TYR B 119 0.84 -6.09 -10.44
C TYR B 119 -0.64 -6.00 -10.71
N ARG B 120 -1.40 -5.69 -9.67
CA ARG B 120 -2.84 -5.82 -9.74
C ARG B 120 -3.45 -4.76 -10.58
N SER B 121 -2.71 -3.67 -10.84
CA SER B 121 -3.23 -2.62 -11.72
C SER B 121 -2.76 -2.74 -13.17
N GLY B 122 -2.01 -3.79 -13.48
CA GLY B 122 -1.40 -3.90 -14.80
C GLY B 122 -0.37 -2.79 -15.08
N ASP B 123 0.24 -2.26 -14.02
CA ASP B 123 1.10 -1.09 -14.10
C ASP B 123 0.43 0.21 -14.48
N LEU B 124 -0.88 0.34 -14.26
CA LEU B 124 -1.53 1.64 -14.33
C LEU B 124 -1.17 2.53 -13.12
N PHE B 125 -0.94 1.90 -11.97
CA PHE B 125 -0.60 2.60 -10.73
C PHE B 125 0.52 1.84 -10.05
N ASN B 126 1.28 2.55 -9.23
CA ASN B 126 2.29 1.92 -8.45
C ASN B 126 2.60 2.74 -7.19
N CYS B 127 3.39 2.16 -6.31
CA CYS B 127 3.93 2.88 -5.15
C CYS B 127 5.43 2.64 -5.08
N GLY B 128 6.08 2.66 -6.24
CA GLY B 128 7.50 2.38 -6.29
C GLY B 128 8.33 3.40 -5.55
N SER B 129 7.86 4.64 -5.41
CA SER B 129 8.62 5.66 -4.74
C SER B 129 8.47 5.65 -3.20
N LEU B 130 7.94 4.55 -2.65
CA LEU B 130 7.85 4.37 -1.21
C LEU B 130 9.05 3.56 -0.66
N THR B 131 9.61 4.09 0.41
CA THR B 131 10.57 3.38 1.22
C THR B 131 10.13 3.47 2.69
N ILE B 132 10.22 2.34 3.39
CA ILE B 132 9.90 2.26 4.81
C ILE B 132 11.19 1.93 5.52
N ARG B 133 11.65 2.81 6.40
CA ARG B 133 12.85 2.50 7.18
C ARG B 133 12.50 2.29 8.63
N SER B 134 13.19 1.36 9.27
CA SER B 134 12.92 1.04 10.65
C SER B 134 14.13 0.42 11.39
N PRO B 135 14.39 0.85 12.61
CA PRO B 135 15.37 0.19 13.48
C PRO B 135 15.08 -1.31 13.66
N TRP B 136 16.15 -2.09 13.70
CA TRP B 136 16.07 -3.54 13.70
C TRP B 136 17.13 -4.24 14.53
N GLY B 137 16.79 -5.44 14.97
CA GLY B 137 17.79 -6.29 15.54
C GLY B 137 18.03 -6.09 17.02
N CYS B 138 18.80 -7.00 17.61
CA CYS B 138 18.96 -7.00 19.03
C CYS B 138 19.87 -5.85 19.49
N VAL B 139 19.71 -5.50 20.75
CA VAL B 139 20.37 -4.33 21.30
C VAL B 139 20.87 -4.60 22.73
N GLY B 140 20.93 -5.86 23.15
CA GLY B 140 21.44 -6.23 24.45
C GLY B 140 20.43 -6.36 25.59
N HIS B 141 19.37 -5.56 25.55
CA HIS B 141 18.34 -5.49 26.62
C HIS B 141 16.96 -5.13 26.08
N GLY B 142 16.73 -5.29 24.79
CA GLY B 142 15.46 -4.84 24.19
C GLY B 142 14.28 -5.77 24.40
N ALA B 143 14.54 -7.02 24.80
CA ALA B 143 13.48 -7.95 25.09
C ALA B 143 12.56 -8.14 23.88
N LEU B 144 11.27 -8.35 24.12
CA LEU B 144 10.39 -8.91 23.10
C LEU B 144 10.09 -7.91 21.97
N TYR B 145 10.05 -6.63 22.29
CA TYR B 145 9.51 -5.62 21.38
C TYR B 145 10.48 -4.49 21.03
N HIS B 146 11.75 -4.63 21.41
CA HIS B 146 12.77 -3.66 20.96
C HIS B 146 13.94 -4.41 20.31
N SER B 147 13.72 -5.68 19.97
CA SER B 147 14.79 -6.54 19.45
C SER B 147 14.54 -7.25 18.14
N GLN B 148 13.31 -7.25 17.63
CA GLN B 148 12.94 -8.23 16.61
C GLN B 148 13.61 -7.99 15.26
N SER B 149 13.72 -9.07 14.50
CA SER B 149 14.31 -9.11 13.16
C SER B 149 13.25 -9.70 12.26
N PRO B 150 12.35 -8.89 11.71
CA PRO B 150 11.20 -9.46 10.97
C PRO B 150 11.34 -9.81 9.50
N GLU B 151 12.56 -9.83 8.97
CA GLU B 151 12.73 -9.94 7.53
C GLU B 151 12.10 -11.19 6.92
N ALA B 152 12.10 -12.32 7.64
CA ALA B 152 11.56 -13.55 7.05
C ALA B 152 10.05 -13.43 6.84
N PHE B 153 9.37 -12.63 7.66
CA PHE B 153 7.95 -12.46 7.44
C PHE B 153 7.71 -11.80 6.08
N PHE B 154 8.53 -10.78 5.78
CA PHE B 154 8.39 -10.05 4.54
C PHE B 154 8.95 -10.80 3.34
N ALA B 155 9.87 -11.75 3.55
CA ALA B 155 10.50 -12.45 2.42
C ALA B 155 9.54 -13.32 1.68
N HIS B 156 8.39 -13.64 2.29
CA HIS B 156 7.39 -14.47 1.62
C HIS B 156 6.35 -13.66 0.82
N CYS B 157 6.65 -12.39 0.58
CA CYS B 157 5.74 -11.51 -0.10
C CYS B 157 6.36 -10.91 -1.40
N PRO B 158 6.07 -11.55 -2.53
CA PRO B 158 6.42 -10.96 -3.82
C PRO B 158 5.93 -9.53 -4.01
N GLY B 159 6.83 -8.69 -4.51
CA GLY B 159 6.53 -7.30 -4.78
C GLY B 159 7.16 -6.25 -3.87
N ILE B 160 7.76 -6.67 -2.74
CA ILE B 160 8.58 -5.77 -1.93
C ILE B 160 10.01 -6.21 -1.92
N LYS B 161 10.88 -5.24 -1.65
CA LYS B 161 12.29 -5.51 -1.43
C LYS B 161 12.64 -5.25 0.05
N VAL B 162 13.54 -6.07 0.58
CA VAL B 162 13.93 -6.00 1.98
C VAL B 162 15.45 -5.94 2.02
N VAL B 163 15.98 -4.90 2.64
CA VAL B 163 17.41 -4.55 2.54
C VAL B 163 17.93 -4.20 3.91
N ILE B 164 19.11 -4.74 4.26
CA ILE B 164 19.68 -4.62 5.60
C ILE B 164 21.22 -4.40 5.47
N PRO B 165 21.72 -3.26 5.94
CA PRO B 165 23.16 -2.93 5.90
C PRO B 165 23.92 -3.41 7.11
N ARG B 166 25.25 -3.46 6.99
CA ARG B 166 26.12 -3.91 8.06
C ARG B 166 26.97 -2.79 8.64
N SER B 167 26.95 -1.60 8.03
CA SER B 167 27.88 -0.56 8.43
C SER B 167 27.38 0.79 7.97
N PRO B 168 27.98 1.89 8.44
CA PRO B 168 27.60 3.22 7.96
C PRO B 168 27.81 3.46 6.45
N PHE B 169 28.94 3.03 5.90
CA PHE B 169 29.14 3.16 4.47
C PHE B 169 28.10 2.36 3.66
N GLN B 170 27.80 1.16 4.14
CA GLN B 170 26.85 0.31 3.45
C GLN B 170 25.43 0.86 3.61
N ALA B 171 25.10 1.37 4.80
CA ALA B 171 23.79 1.97 5.03
C ALA B 171 23.46 3.12 4.13
N LYS B 172 24.39 4.05 3.94
CA LYS B 172 24.06 5.18 3.11
C LYS B 172 23.86 4.79 1.64
N GLY B 173 24.73 3.96 1.10
CA GLY B 173 24.66 3.59 -0.30
C GLY B 173 23.44 2.69 -0.54
N LEU B 174 23.09 1.85 0.42
CA LEU B 174 21.92 0.96 0.23
C LEU B 174 20.61 1.67 0.44
N LEU B 175 20.57 2.60 1.40
CA LEU B 175 19.39 3.41 1.62
C LEU B 175 19.14 4.31 0.41
N LEU B 176 20.19 4.91 -0.15
CA LEU B 176 19.96 5.71 -1.37
C LEU B 176 19.40 4.88 -2.49
N SER B 177 19.90 3.68 -2.66
CA SER B 177 19.39 2.77 -3.66
C SER B 177 17.91 2.39 -3.41
N CYS B 178 17.54 2.13 -2.15
CA CYS B 178 16.11 1.89 -1.82
C CYS B 178 15.22 3.07 -2.17
N ILE B 179 15.66 4.28 -1.82
CA ILE B 179 14.86 5.47 -2.00
C ILE B 179 14.60 5.71 -3.51
N GLU B 180 15.61 5.42 -4.34
CA GLU B 180 15.56 5.63 -5.80
C GLU B 180 15.01 4.44 -6.58
N ASP B 181 14.99 3.27 -5.94
CA ASP B 181 14.49 2.04 -6.59
C ASP B 181 13.03 2.22 -6.88
N LYS B 182 12.55 1.61 -7.98
CA LYS B 182 11.18 1.85 -8.47
C LYS B 182 10.23 0.77 -7.92
N ASN B 183 10.49 0.33 -6.71
CA ASN B 183 9.70 -0.66 -6.03
C ASN B 183 9.64 -0.30 -4.54
N PRO B 184 8.54 -0.62 -3.85
CA PRO B 184 8.47 -0.41 -2.42
C PRO B 184 9.53 -1.22 -1.69
N CYS B 185 10.36 -0.54 -0.89
CA CYS B 185 11.45 -1.14 -0.17
C CYS B 185 11.29 -0.96 1.34
N ILE B 186 11.64 -1.98 2.10
CA ILE B 186 11.79 -1.91 3.54
C ILE B 186 13.30 -1.98 3.80
N PHE B 187 13.79 -0.98 4.51
CA PHE B 187 15.21 -0.84 4.86
C PHE B 187 15.30 -0.94 6.37
N PHE B 188 15.92 -2.01 6.85
CA PHE B 188 16.04 -2.25 8.26
C PHE B 188 17.43 -1.82 8.77
N GLU B 189 17.45 -0.92 9.72
CA GLU B 189 18.69 -0.29 10.23
C GLU B 189 19.08 -0.99 11.53
N PRO B 190 20.20 -1.72 11.58
CA PRO B 190 20.57 -2.37 12.85
C PRO B 190 20.87 -1.40 13.97
N LYS B 191 19.96 -1.31 14.95
CA LYS B 191 19.99 -0.19 15.84
C LYS B 191 21.18 -0.29 16.80
N ILE B 192 21.69 -1.50 17.07
CA ILE B 192 22.85 -1.65 17.91
C ILE B 192 24.07 -0.95 17.26
N LEU B 193 24.02 -0.71 15.96
CA LEU B 193 25.10 -0.04 15.27
C LEU B 193 24.98 1.47 15.17
N TYR B 194 23.85 2.05 15.59
CA TYR B 194 23.58 3.44 15.29
C TYR B 194 24.70 4.35 15.87
N ARG B 195 25.12 4.02 17.09
CA ARG B 195 26.16 4.76 17.81
C ARG B 195 27.44 3.95 18.03
N ALA B 196 27.54 2.77 17.45
CA ALA B 196 28.78 2.02 17.53
C ALA B 196 29.84 2.81 16.77
N ALA B 197 30.90 2.13 16.34
CA ALA B 197 32.02 2.81 15.64
C ALA B 197 31.65 3.51 14.33
N ALA B 198 32.26 4.69 14.15
CA ALA B 198 32.17 5.37 12.90
C ALA B 198 33.06 4.70 11.81
N GLU B 199 32.79 5.08 10.57
CA GLU B 199 33.72 4.83 9.47
C GLU B 199 33.57 5.96 8.48
N GLU B 200 34.50 6.02 7.53
CA GLU B 200 34.46 7.06 6.50
C GLU B 200 33.29 6.81 5.58
N VAL B 201 32.50 7.85 5.35
CA VAL B 201 31.33 7.82 4.49
C VAL B 201 31.37 9.01 3.56
N PRO B 202 31.25 8.77 2.25
CA PRO B 202 31.15 9.88 1.32
C PRO B 202 30.04 10.84 1.66
N ILE B 203 30.36 12.14 1.58
CA ILE B 203 29.43 13.21 1.82
C ILE B 203 28.37 13.33 0.72
N GLU B 204 28.79 13.06 -0.50
CA GLU B 204 27.93 13.16 -1.67
C GLU B 204 27.22 11.83 -1.87
N PRO B 205 26.10 11.85 -2.58
CA PRO B 205 25.35 10.61 -2.81
C PRO B 205 26.11 9.60 -3.64
N TYR B 206 25.90 8.32 -3.33
CA TYR B 206 26.38 7.22 -4.10
C TYR B 206 25.39 6.06 -3.88
N ASN B 207 25.52 5.02 -4.71
CA ASN B 207 24.59 3.87 -4.65
C ASN B 207 25.33 2.59 -4.49
N ILE B 208 24.76 1.69 -3.72
CA ILE B 208 25.20 0.33 -3.62
C ILE B 208 24.06 -0.51 -4.20
N PRO B 209 24.34 -1.46 -5.09
CA PRO B 209 23.24 -2.16 -5.78
C PRO B 209 22.46 -3.08 -4.84
N LEU B 210 21.16 -3.15 -5.07
CA LEU B 210 20.25 -4.08 -4.39
C LEU B 210 20.39 -5.44 -5.07
N SER B 211 19.97 -6.48 -4.37
CA SER B 211 20.02 -7.88 -4.81
C SER B 211 21.43 -8.32 -5.16
N GLN B 212 22.42 -7.79 -4.42
CA GLN B 212 23.84 -8.20 -4.61
C GLN B 212 24.50 -8.43 -3.28
N ALA B 213 24.94 -9.66 -3.04
CA ALA B 213 25.67 -9.97 -1.83
C ALA B 213 27.08 -9.43 -1.97
N GLU B 214 27.80 -9.32 -0.89
CA GLU B 214 29.19 -8.86 -0.95
C GLU B 214 30.08 -9.88 -0.28
N VAL B 215 31.06 -10.42 -1.03
CA VAL B 215 32.07 -11.29 -0.44
C VAL B 215 33.11 -10.37 0.21
N ILE B 216 33.06 -10.26 1.54
CA ILE B 216 33.99 -9.37 2.22
C ILE B 216 35.34 -9.99 2.56
N GLN B 217 35.43 -11.31 2.51
CA GLN B 217 36.70 -12.06 2.71
C GLN B 217 36.61 -13.32 1.91
N GLU B 218 37.60 -13.58 1.03
CA GLU B 218 37.66 -14.84 0.28
C GLU B 218 38.20 -15.98 1.11
N GLY B 219 37.68 -17.16 0.82
CA GLY B 219 38.04 -18.34 1.58
C GLY B 219 37.74 -19.57 0.74
N SER B 220 38.34 -20.69 1.09
CA SER B 220 38.22 -21.88 0.29
C SER B 220 37.66 -23.10 0.98
N ASP B 221 37.53 -23.11 2.31
CA ASP B 221 37.01 -24.29 3.03
C ASP B 221 35.53 -24.26 3.40
N VAL B 222 35.00 -23.05 3.64
CA VAL B 222 33.61 -22.91 4.07
C VAL B 222 33.11 -21.52 3.74
N THR B 223 31.82 -21.49 3.43
CA THR B 223 31.11 -20.26 3.14
C THR B 223 30.23 -19.90 4.38
N LEU B 224 30.34 -18.67 4.84
CA LEU B 224 29.56 -18.16 5.95
C LEU B 224 28.73 -16.99 5.41
N VAL B 225 27.41 -17.02 5.67
CA VAL B 225 26.50 -16.00 5.17
C VAL B 225 25.73 -15.40 6.34
N ALA B 226 25.64 -14.09 6.36
CA ALA B 226 24.83 -13.38 7.34
C ALA B 226 24.48 -11.99 6.77
N TRP B 227 23.86 -11.17 7.59
CA TRP B 227 23.45 -9.83 7.23
C TRP B 227 23.31 -9.01 8.52
N GLY B 228 23.26 -7.69 8.40
CA GLY B 228 23.24 -6.84 9.56
C GLY B 228 24.48 -7.01 10.44
N THR B 229 24.25 -6.89 11.74
CA THR B 229 25.25 -7.06 12.78
C THR B 229 25.89 -8.41 12.76
N GLN B 230 25.12 -9.41 12.37
CA GLN B 230 25.63 -10.76 12.39
C GLN B 230 26.79 -10.95 11.41
N VAL B 231 26.93 -10.07 10.42
CA VAL B 231 28.11 -10.12 9.54
C VAL B 231 29.38 -9.98 10.37
N HIS B 232 29.35 -9.10 11.38
CA HIS B 232 30.54 -8.86 12.19
C HIS B 232 30.85 -10.07 13.08
N VAL B 233 29.81 -10.78 13.49
CA VAL B 233 29.96 -12.01 14.21
C VAL B 233 30.62 -13.02 13.32
N ILE B 234 30.15 -13.17 12.08
CA ILE B 234 30.76 -14.21 11.24
C ILE B 234 32.19 -13.85 10.79
N ARG B 235 32.51 -12.57 10.73
CA ARG B 235 33.87 -12.15 10.45
C ARG B 235 34.79 -12.63 11.56
N GLU B 236 34.35 -12.44 12.80
CA GLU B 236 35.11 -12.91 13.95
C GLU B 236 35.21 -14.42 13.98
N VAL B 237 34.11 -15.12 13.65
CA VAL B 237 34.16 -16.59 13.50
C VAL B 237 35.23 -17.06 12.50
N ALA B 238 35.34 -16.36 11.38
CA ALA B 238 36.32 -16.66 10.33
C ALA B 238 37.73 -16.58 10.90
N SER B 239 37.96 -15.56 11.72
CA SER B 239 39.26 -15.35 12.37
C SER B 239 39.54 -16.46 13.37
N MET B 240 38.54 -16.85 14.17
CA MET B 240 38.68 -17.95 15.11
C MET B 240 39.00 -19.27 14.40
N ALA B 241 38.34 -19.51 13.26
CA ALA B 241 38.49 -20.78 12.56
C ALA B 241 39.89 -20.88 11.92
N LYS B 242 40.37 -19.75 11.39
CA LYS B 242 41.73 -19.65 10.87
C LYS B 242 42.74 -19.94 12.00
N GLU B 243 42.68 -19.17 13.08
CA GLU B 243 43.66 -19.30 14.15
C GLU B 243 43.61 -20.68 14.84
N LYS B 244 42.42 -21.17 15.18
CA LYS B 244 42.28 -22.39 15.97
C LYS B 244 42.23 -23.66 15.13
N LEU B 245 41.76 -23.59 13.87
CA LEU B 245 41.57 -24.80 13.08
C LEU B 245 42.31 -24.84 11.74
N GLY B 246 43.03 -23.78 11.40
CA GLY B 246 43.59 -23.66 10.06
C GLY B 246 42.56 -23.71 8.93
N VAL B 247 41.34 -23.22 9.19
CA VAL B 247 40.23 -23.24 8.24
C VAL B 247 40.07 -21.85 7.57
N SER B 248 39.96 -21.87 6.25
CA SER B 248 39.83 -20.68 5.43
C SER B 248 38.33 -20.45 5.11
N CYS B 249 37.79 -19.33 5.55
CA CYS B 249 36.35 -19.03 5.48
C CYS B 249 36.08 -17.92 4.47
N GLU B 250 35.07 -18.12 3.65
CA GLU B 250 34.64 -17.10 2.73
C GLU B 250 33.45 -16.43 3.40
N VAL B 251 33.56 -15.13 3.66
CA VAL B 251 32.56 -14.42 4.49
C VAL B 251 31.73 -13.53 3.57
N ILE B 252 30.41 -13.74 3.58
CA ILE B 252 29.49 -13.06 2.67
C ILE B 252 28.37 -12.32 3.44
N ASP B 253 28.20 -11.04 3.13
CA ASP B 253 27.09 -10.20 3.57
C ASP B 253 26.00 -10.28 2.50
N LEU B 254 24.86 -10.87 2.83
CA LEU B 254 23.76 -10.96 1.87
C LEU B 254 23.22 -9.61 1.39
N ARG B 255 23.07 -8.67 2.33
CA ARG B 255 22.62 -7.30 2.10
C ARG B 255 21.13 -7.22 1.75
N THR B 256 20.73 -7.82 0.63
CA THR B 256 19.33 -7.84 0.22
C THR B 256 18.71 -9.19 0.47
N ILE B 257 17.66 -9.19 1.29
CA ILE B 257 16.93 -10.39 1.66
C ILE B 257 16.03 -10.85 0.50
N ILE B 258 15.24 -9.94 -0.08
CA ILE B 258 14.56 -10.25 -1.33
C ILE B 258 14.54 -9.05 -2.22
N PRO B 259 14.70 -9.26 -3.54
CA PRO B 259 15.16 -10.50 -4.16
C PRO B 259 16.62 -10.77 -3.80
N TRP B 260 16.98 -12.00 -3.43
CA TRP B 260 18.32 -12.25 -2.97
C TRP B 260 19.28 -12.75 -4.07
N ASP B 261 20.56 -12.55 -3.78
CA ASP B 261 21.67 -12.87 -4.71
C ASP B 261 22.02 -14.34 -4.61
N VAL B 262 21.16 -15.15 -5.22
CA VAL B 262 21.35 -16.62 -5.29
C VAL B 262 22.70 -16.96 -5.95
N ASP B 263 23.05 -16.26 -7.03
CA ASP B 263 24.24 -16.64 -7.81
C ASP B 263 25.52 -16.50 -6.99
N THR B 264 25.65 -15.42 -6.22
CA THR B 264 26.86 -15.18 -5.46
C THR B 264 27.04 -16.23 -4.42
N ILE B 265 25.93 -16.64 -3.77
CA ILE B 265 26.01 -17.63 -2.70
C ILE B 265 26.33 -19.02 -3.25
N CYS B 266 25.66 -19.40 -4.32
CA CYS B 266 25.89 -20.70 -4.97
C CYS B 266 27.32 -20.83 -5.53
N LYS B 267 27.84 -19.79 -6.17
CA LYS B 267 29.23 -19.79 -6.67
C LYS B 267 30.25 -19.99 -5.54
N SER B 268 30.02 -19.38 -4.37
CA SER B 268 30.87 -19.56 -3.26
C SER B 268 30.83 -21.01 -2.77
N VAL B 269 29.63 -21.58 -2.63
CA VAL B 269 29.47 -22.93 -2.12
C VAL B 269 29.98 -24.00 -3.11
N ILE B 270 29.89 -23.72 -4.40
CA ILE B 270 30.48 -24.62 -5.39
C ILE B 270 31.99 -24.72 -5.16
N LYS B 271 32.61 -23.58 -4.85
CA LYS B 271 34.02 -23.55 -4.46
C LYS B 271 34.33 -24.26 -3.13
N THR B 272 33.65 -23.90 -2.05
CA THR B 272 34.04 -24.36 -0.73
C THR B 272 33.47 -25.72 -0.36
N GLY B 273 32.27 -26.01 -0.85
CA GLY B 273 31.53 -27.21 -0.53
C GLY B 273 30.85 -27.28 0.83
N ARG B 274 30.89 -26.18 1.59
CA ARG B 274 30.29 -26.11 2.92
C ARG B 274 29.67 -24.71 3.17
N LEU B 275 28.51 -24.70 3.80
CA LEU B 275 27.80 -23.46 4.08
C LEU B 275 27.26 -23.45 5.48
N LEU B 276 27.46 -22.31 6.12
CA LEU B 276 26.84 -22.01 7.40
C LEU B 276 26.17 -20.65 7.26
N ILE B 277 24.88 -20.60 7.59
CA ILE B 277 24.10 -19.36 7.52
C ILE B 277 23.69 -19.05 8.95
N SER B 278 23.77 -17.77 9.30
CA SER B 278 23.47 -17.33 10.63
C SER B 278 22.60 -16.12 10.64
N HIS B 279 21.60 -16.11 11.54
CA HIS B 279 20.82 -14.89 11.73
C HIS B 279 20.21 -14.83 13.11
N GLU B 280 20.00 -13.62 13.61
CA GLU B 280 19.40 -13.46 14.95
C GLU B 280 17.95 -13.92 15.03
N ALA B 281 17.22 -13.85 13.93
CA ALA B 281 15.81 -14.28 13.87
C ALA B 281 15.68 -15.75 14.21
N PRO B 282 14.54 -16.14 14.78
CA PRO B 282 14.31 -17.55 15.06
C PRO B 282 14.54 -18.47 13.86
N LEU B 283 15.01 -19.65 14.16
CA LEU B 283 15.33 -20.68 13.17
C LEU B 283 14.12 -21.00 12.28
N THR B 284 13.00 -21.35 12.89
CA THR B 284 11.88 -21.93 12.12
C THR B 284 11.22 -20.85 11.30
N GLY B 285 11.19 -21.06 9.98
CA GLY B 285 10.65 -20.11 9.06
C GLY B 285 11.56 -18.95 8.81
N GLY B 286 12.76 -18.94 9.43
CA GLY B 286 13.73 -17.88 9.23
C GLY B 286 14.28 -17.89 7.83
N PHE B 287 14.92 -16.83 7.41
CA PHE B 287 15.36 -16.75 6.01
C PHE B 287 16.51 -17.71 5.66
N ALA B 288 17.23 -18.18 6.68
CA ALA B 288 18.22 -19.23 6.48
C ALA B 288 17.64 -20.49 5.84
N SER B 289 16.38 -20.83 6.11
CA SER B 289 15.75 -21.97 5.46
C SER B 289 15.63 -21.80 3.97
N GLU B 290 15.34 -20.59 3.49
CA GLU B 290 15.24 -20.36 2.04
C GLU B 290 16.60 -20.50 1.38
N ILE B 291 17.61 -19.93 2.03
CA ILE B 291 18.98 -20.01 1.49
C ILE B 291 19.47 -21.45 1.46
N SER B 292 19.29 -22.17 2.55
CA SER B 292 19.75 -23.56 2.65
C SER B 292 19.06 -24.41 1.61
N SER B 293 17.71 -24.29 1.51
CA SER B 293 16.93 -25.08 0.54
C SER B 293 17.45 -24.86 -0.87
N THR B 294 17.65 -23.60 -1.21
CA THR B 294 18.04 -23.23 -2.55
C THR B 294 19.46 -23.70 -2.90
N VAL B 295 20.37 -23.54 -1.96
CA VAL B 295 21.75 -23.97 -2.15
C VAL B 295 21.85 -25.49 -2.29
N GLN B 296 21.02 -26.19 -1.55
CA GLN B 296 20.92 -27.63 -1.67
C GLN B 296 20.42 -28.03 -3.08
N GLU B 297 19.43 -27.31 -3.60
CA GLU B 297 18.93 -27.55 -4.95
C GLU B 297 19.96 -27.28 -6.07
N GLU B 298 20.76 -26.22 -5.95
CA GLU B 298 21.70 -25.81 -6.99
C GLU B 298 23.09 -26.44 -6.89
N CYS B 299 23.48 -26.86 -5.67
CA CYS B 299 24.88 -27.26 -5.33
C CYS B 299 24.95 -28.64 -4.67
N PHE B 300 23.92 -29.45 -4.88
CA PHE B 300 23.77 -30.74 -4.22
C PHE B 300 25.05 -31.59 -4.30
N LEU B 301 25.61 -31.66 -5.50
CA LEU B 301 26.80 -32.50 -5.75
C LEU B 301 28.08 -31.91 -5.16
N ASN B 302 28.09 -30.61 -4.89
CA ASN B 302 29.24 -29.95 -4.31
C ASN B 302 29.26 -29.96 -2.78
N LEU B 303 28.13 -30.27 -2.15
CA LEU B 303 28.04 -30.24 -0.70
C LEU B 303 28.78 -31.40 -0.03
N GLU B 304 29.74 -31.06 0.82
CA GLU B 304 30.57 -32.03 1.56
C GLU B 304 30.03 -32.33 2.92
N ALA B 305 29.07 -31.53 3.39
CA ALA B 305 28.52 -31.67 4.73
C ALA B 305 27.15 -31.01 4.73
N PRO B 306 26.26 -31.36 5.66
CA PRO B 306 24.96 -30.68 5.72
C PRO B 306 25.14 -29.19 5.92
N ILE B 307 24.34 -28.39 5.23
CA ILE B 307 24.28 -26.94 5.46
C ILE B 307 23.83 -26.65 6.91
N SER B 308 24.56 -25.81 7.60
CA SER B 308 24.26 -25.46 8.97
C SER B 308 23.49 -24.12 9.07
N ARG B 309 22.49 -24.07 9.94
CA ARG B 309 21.80 -22.82 10.29
C ARG B 309 22.04 -22.59 11.74
N VAL B 310 22.65 -21.46 12.09
CA VAL B 310 22.87 -21.06 13.49
C VAL B 310 22.05 -19.79 13.73
N CYS B 311 20.90 -19.94 14.36
CA CYS B 311 19.91 -18.87 14.45
C CYS B 311 19.46 -18.66 15.90
N GLY B 312 18.66 -17.62 16.13
CA GLY B 312 17.98 -17.47 17.40
C GLY B 312 17.08 -18.69 17.63
N TYR B 313 16.81 -19.00 18.88
CA TYR B 313 15.88 -20.07 19.20
C TYR B 313 14.43 -19.73 18.81
N ASP B 314 13.58 -20.74 18.79
CA ASP B 314 12.16 -20.57 18.46
C ASP B 314 11.33 -20.14 19.70
N THR B 315 11.65 -18.95 20.18
CA THR B 315 11.00 -18.30 21.29
C THR B 315 10.87 -16.83 20.96
N PRO B 316 10.08 -16.10 21.73
CA PRO B 316 10.15 -14.64 21.72
C PRO B 316 11.50 -14.22 22.25
N PHE B 317 11.86 -12.99 21.95
CA PHE B 317 13.19 -12.48 22.24
C PHE B 317 13.27 -12.03 23.69
N PRO B 318 14.02 -12.72 24.52
CA PRO B 318 13.94 -12.49 25.97
C PRO B 318 14.78 -11.31 26.46
N HIS B 319 14.37 -10.83 27.63
CA HIS B 319 15.07 -9.74 28.30
C HIS B 319 16.38 -10.19 28.95
N ILE B 320 16.21 -10.85 30.10
CA ILE B 320 17.40 -11.14 30.92
C ILE B 320 18.26 -12.27 30.30
N PHE B 321 17.64 -13.10 29.46
CA PHE B 321 18.35 -14.23 28.84
C PHE B 321 19.02 -13.94 27.54
N GLU B 322 19.05 -12.67 27.10
CA GLU B 322 19.61 -12.37 25.78
C GLU B 322 20.99 -12.96 25.51
N PRO B 323 21.94 -12.90 26.45
CA PRO B 323 23.27 -13.49 26.16
C PRO B 323 23.26 -15.00 25.83
N PHE B 324 22.25 -15.72 26.31
CA PHE B 324 22.05 -17.12 25.99
C PHE B 324 21.23 -17.40 24.71
N TYR B 325 20.52 -16.39 24.24
CA TYR B 325 19.59 -16.51 23.11
C TYR B 325 20.27 -16.35 21.76
N ILE B 326 21.16 -15.35 21.67
CA ILE B 326 21.69 -14.95 20.38
C ILE B 326 22.66 -15.99 19.77
N PRO B 327 22.72 -16.07 18.46
CA PRO B 327 23.62 -16.99 17.77
C PRO B 327 25.04 -16.40 17.74
N ASP B 328 25.67 -16.41 18.89
CA ASP B 328 26.94 -15.71 19.03
C ASP B 328 28.14 -16.40 18.33
N LYS B 329 29.30 -15.80 18.46
CA LYS B 329 30.48 -16.32 17.77
C LYS B 329 30.84 -17.74 18.22
N TRP B 330 30.54 -18.09 19.46
CA TRP B 330 30.90 -19.41 20.03
C TRP B 330 29.94 -20.45 19.48
N LYS B 331 28.66 -20.10 19.35
CA LYS B 331 27.70 -20.99 18.74
C LYS B 331 28.00 -21.19 17.26
N CYS B 332 28.35 -20.12 16.55
CA CYS B 332 28.68 -20.23 15.14
C CYS B 332 29.96 -21.05 14.94
N TYR B 333 30.93 -20.75 15.78
CA TYR B 333 32.23 -21.46 15.75
C TYR B 333 32.07 -22.94 15.99
N ASP B 334 31.30 -23.32 17.00
CA ASP B 334 31.11 -24.73 17.31
C ASP B 334 30.41 -25.50 16.17
N ALA B 335 29.44 -24.86 15.53
CA ALA B 335 28.71 -25.45 14.42
C ALA B 335 29.66 -25.61 13.23
N LEU B 336 30.49 -24.61 13.00
CA LEU B 336 31.49 -24.63 11.97
C LEU B 336 32.51 -25.76 12.21
N ARG B 337 32.90 -25.94 13.47
CA ARG B 337 33.85 -26.97 13.87
C ARG B 337 33.30 -28.35 13.52
N LYS B 338 32.05 -28.60 13.88
CA LYS B 338 31.41 -29.89 13.63
C LYS B 338 31.21 -30.14 12.14
N MET B 339 30.92 -29.07 11.41
CA MET B 339 30.68 -29.19 9.99
C MET B 339 31.99 -29.55 9.29
N ILE B 340 33.08 -28.90 9.67
CA ILE B 340 34.42 -29.18 9.13
C ILE B 340 34.86 -30.62 9.45
N ASN B 341 34.49 -31.10 10.62
CA ASN B 341 34.84 -32.45 11.07
C ASN B 341 33.89 -33.52 10.55
N TYR B 342 32.89 -33.14 9.75
CA TYR B 342 31.93 -34.09 9.21
C TYR B 342 32.59 -34.99 8.18
K K C . -9.65 -1.54 -0.95
MN MN D . -23.10 -1.05 3.59
CL CL E . 8.31 1.34 23.68
CL CL F . 34.64 -14.09 24.87
CL CL G . 20.41 13.71 24.66
CL CL H . -29.83 -10.67 -19.35
N1' TPP I . -12.70 -8.00 5.28
C2' TPP I . -11.86 -7.31 4.52
CM2 TPP I . -10.60 -6.61 5.11
N3' TPP I . -12.15 -7.16 3.20
C4' TPP I . -13.22 -7.77 2.58
N4' TPP I . -13.35 -7.56 1.25
C5' TPP I . -14.12 -8.51 3.38
C6' TPP I . -13.82 -8.57 4.76
C7' TPP I . -15.40 -9.22 2.80
N3 TPP I . -16.40 -8.19 2.43
C2 TPP I . -16.49 -7.93 1.00
S1 TPP I . -17.83 -6.68 1.00
C5 TPP I . -18.16 -6.68 2.71
C4 TPP I . -17.29 -7.62 3.28
CM4 TPP I . -17.26 -7.99 4.80
C6 TPP I . -19.26 -5.79 3.27
C7 TPP I . -18.90 -4.30 3.05
O7 TPP I . -19.93 -3.44 3.54
PA TPP I . -19.92 -1.94 3.29
O1A TPP I . -21.05 -1.38 4.10
O2A TPP I . -18.56 -1.41 3.50
O3A TPP I . -20.22 -1.79 1.72
PB TPP I . -21.55 -2.29 0.88
O1B TPP I . -21.27 -3.73 0.44
O2B TPP I . -22.76 -2.19 1.81
O3B TPP I . -21.69 -1.38 -0.29
C1 BEN J . -26.73 -13.02 -21.61
C2 BEN J . -26.38 -13.79 -22.71
C3 BEN J . -27.13 -13.72 -23.87
C4 BEN J . -28.24 -12.87 -23.93
C5 BEN J . -28.59 -12.09 -22.84
C6 BEN J . -27.83 -12.17 -21.69
C BEN J . -25.97 -13.06 -20.44
N1 BEN J . -25.30 -14.09 -20.03
N2 BEN J . -25.90 -12.00 -19.67
K K K . 11.51 2.69 -3.35
C1 GOL L . 14.51 -17.29 -5.08
O1 GOL L . 13.95 -16.32 -4.28
C2 GOL L . 14.43 -18.65 -4.41
O2 GOL L . 15.10 -18.58 -3.18
C3 GOL L . 15.09 -19.67 -5.34
O3 GOL L . 15.07 -20.96 -4.78
C1 GOL M . -1.09 9.19 -11.77
O1 GOL M . -1.89 8.09 -12.05
C2 GOL M . -1.21 9.64 -10.31
O2 GOL M . -2.05 8.74 -9.60
C3 GOL M . -1.82 11.03 -10.24
O3 GOL M . -1.53 11.63 -8.99
C1 GOL N . 20.31 -22.76 17.80
O1 GOL N . 21.24 -21.83 17.27
C2 GOL N . 19.97 -23.94 16.91
O2 GOL N . 20.45 -25.16 17.40
C3 GOL N . 20.54 -23.74 15.53
O3 GOL N . 19.90 -22.58 15.12
#